data_4HN9
#
_entry.id   4HN9
#
_cell.length_a   61.870
_cell.length_b   57.564
_cell.length_c   79.299
_cell.angle_alpha   90.00
_cell.angle_beta   98.20
_cell.angle_gamma   90.00
#
_symmetry.space_group_name_H-M   'P 1 21 1'
#
loop_
_entity.id
_entity.type
_entity.pdbx_description
1 polymer 'Iron complex transport system substrate-binding protein'
2 water water
#
_entity_poly.entity_id   1
_entity_poly.type   'polypeptide(L)'
_entity_poly.pdbx_seq_one_letter_code
;SNAGNSTTSDKGTEEATTSAFDV(MSE)SQFNEIGVSYPLTVTDQAGRTVTFEKAPEKIASSYYISTSLLLALGLQDKLV
GIEAKANTRNIYKLAAPAIVSLPN(MSE)GTAKEFNTEACVAATPDVVFLP(MSE)KLKKTADTLESLGIKAVVVNPEDQ
SLLEECITLVGKITNNAGRAEALNNSIKTFLADNKTNVSGGNTPSVYLAGNSSVLSTAGSK(MSE)YQNTLLTNAGGKNV
ASELTDTYWANVSYEQILAWNPDYIVIAADATYTVDDILNDANLAGCNAVKNKNVVKLPNNIEAWDSPVPGSFLGSIYIA
SVLHPEKVTKDFYETCVTKFYESFYGFTPAK
;
_entity_poly.pdbx_strand_id   A,B
#
# COMPACT_ATOMS: atom_id res chain seq x y z
N SER A 19 28.94 -18.12 0.06
CA SER A 19 28.25 -17.70 -1.17
C SER A 19 26.75 -17.69 -0.99
N ALA A 20 26.08 -16.65 -1.50
CA ALA A 20 24.62 -16.56 -1.40
C ALA A 20 23.97 -17.75 -2.06
N PHE A 21 24.62 -18.34 -3.06
CA PHE A 21 24.00 -19.41 -3.85
C PHE A 21 23.80 -20.70 -3.08
N ASP A 22 24.50 -20.83 -1.96
CA ASP A 22 24.28 -21.98 -1.10
C ASP A 22 22.81 -22.13 -0.65
N VAL A 23 22.12 -21.01 -0.50
CA VAL A 23 20.75 -21.05 0.01
C VAL A 23 19.84 -21.81 -0.98
N MSE A 24 20.21 -21.79 -2.26
CA MSE A 24 19.44 -22.47 -3.32
C MSE A 24 19.51 -23.98 -3.29
O MSE A 24 18.66 -24.66 -3.85
CB MSE A 24 19.91 -22.04 -4.70
CG MSE A 24 19.79 -20.56 -4.93
SE MSE A 24 19.96 -20.26 -6.85
CE MSE A 24 19.81 -18.30 -6.80
N SER A 25 20.51 -24.53 -2.61
CA SER A 25 20.61 -25.97 -2.48
C SER A 25 20.43 -26.46 -1.03
N GLN A 26 20.25 -25.54 -0.09
CA GLN A 26 20.23 -25.93 1.32
C GLN A 26 19.09 -26.94 1.54
N PHE A 27 19.41 -28.08 2.16
CA PHE A 27 18.37 -29.06 2.53
C PHE A 27 17.69 -28.61 3.82
N ASN A 28 16.38 -28.35 3.79
CA ASN A 28 15.72 -27.70 4.91
C ASN A 28 14.81 -28.68 5.59
N GLU A 29 15.02 -28.87 6.88
CA GLU A 29 14.31 -29.91 7.61
C GLU A 29 13.02 -29.37 8.22
N ILE A 30 12.04 -29.25 7.34
CA ILE A 30 10.68 -28.90 7.68
C ILE A 30 9.84 -29.97 7.05
N GLY A 31 8.83 -30.39 7.78
CA GLY A 31 7.87 -31.33 7.27
C GLY A 31 6.49 -30.71 7.39
N VAL A 32 5.50 -31.56 7.15
CA VAL A 32 4.10 -31.11 7.14
C VAL A 32 3.33 -32.20 7.80
N SER A 33 2.48 -31.87 8.76
CA SER A 33 1.66 -32.92 9.35
C SER A 33 0.23 -32.84 8.81
N TYR A 34 -0.29 -34.01 8.42
CA TYR A 34 -1.66 -34.09 7.94
C TYR A 34 -2.43 -34.69 9.10
N PRO A 35 -3.73 -34.41 9.20
CA PRO A 35 -4.49 -33.56 8.27
C PRO A 35 -4.07 -32.09 8.37
N LEU A 36 -4.20 -31.38 7.26
CA LEU A 36 -3.64 -30.03 7.10
C LEU A 36 -4.81 -29.10 6.81
N THR A 37 -5.02 -28.12 7.67
CA THR A 37 -5.97 -27.09 7.33
C THR A 37 -5.24 -25.81 6.99
N VAL A 38 -5.46 -25.30 5.81
CA VAL A 38 -4.81 -24.05 5.41
C VAL A 38 -5.87 -22.98 5.06
N THR A 39 -5.46 -21.72 5.09
CA THR A 39 -6.29 -20.65 4.58
C THR A 39 -5.67 -20.13 3.32
N ASP A 40 -6.45 -20.07 2.25
CA ASP A 40 -5.93 -19.68 0.96
C ASP A 40 -5.92 -18.17 0.82
N GLN A 41 -5.47 -17.68 -0.32
CA GLN A 41 -5.28 -16.24 -0.41
C GLN A 41 -6.56 -15.46 -0.74
N ALA A 42 -7.70 -16.16 -0.76
CA ALA A 42 -9.04 -15.54 -0.78
C ALA A 42 -9.74 -15.68 0.57
N GLY A 43 -8.97 -16.13 1.55
CA GLY A 43 -9.49 -16.30 2.90
C GLY A 43 -10.30 -17.58 3.12
N ARG A 44 -10.34 -18.48 2.17
CA ARG A 44 -11.12 -19.72 2.34
C ARG A 44 -10.34 -20.82 3.07
N THR A 45 -11.03 -21.57 3.91
CA THR A 45 -10.43 -22.74 4.57
C THR A 45 -10.52 -24.02 3.73
N VAL A 46 -9.39 -24.71 3.59
CA VAL A 46 -9.32 -25.96 2.84
C VAL A 46 -8.55 -26.98 3.64
N THR A 47 -9.03 -28.22 3.67
CA THR A 47 -8.39 -29.27 4.44
C THR A 47 -7.94 -30.43 3.57
N PHE A 48 -6.71 -30.89 3.81
CA PHE A 48 -6.12 -31.99 3.08
C PHE A 48 -5.80 -33.09 4.06
N GLU A 49 -6.28 -34.30 3.77
CA GLU A 49 -5.98 -35.45 4.58
C GLU A 49 -4.61 -36.01 4.23
N LYS A 50 -4.12 -35.74 3.01
CA LYS A 50 -2.76 -36.15 2.61
C LYS A 50 -2.37 -35.29 1.43
N ALA A 51 -1.14 -35.40 0.96
CA ALA A 51 -0.72 -34.53 -0.14
C ALA A 51 -1.51 -34.94 -1.36
N PRO A 52 -1.98 -33.96 -2.14
CA PRO A 52 -2.64 -34.33 -3.38
C PRO A 52 -1.64 -34.90 -4.39
N GLU A 53 -2.02 -35.97 -5.08
CA GLU A 53 -1.16 -36.56 -6.08
C GLU A 53 -1.45 -36.11 -7.50
N LYS A 54 -2.69 -35.72 -7.77
CA LYS A 54 -3.03 -35.14 -9.08
C LYS A 54 -3.35 -33.67 -8.94
N ILE A 55 -2.55 -32.83 -9.60
CA ILE A 55 -2.66 -31.37 -9.38
C ILE A 55 -3.02 -30.65 -10.66
N ALA A 56 -4.02 -29.78 -10.61
CA ALA A 56 -4.27 -28.93 -11.76
C ALA A 56 -4.02 -27.49 -11.37
N SER A 57 -3.58 -26.73 -12.36
CA SER A 57 -3.31 -25.31 -12.18
C SER A 57 -4.02 -24.57 -13.30
N SER A 58 -4.64 -23.44 -13.03
CA SER A 58 -5.22 -22.65 -14.13
C SER A 58 -4.70 -21.23 -14.11
N TYR A 59 -3.43 -21.08 -13.80
CA TYR A 59 -2.84 -19.77 -13.84
C TYR A 59 -1.38 -19.99 -14.10
N TYR A 60 -0.80 -19.22 -15.00
CA TYR A 60 0.60 -19.47 -15.36
C TYR A 60 1.55 -19.29 -14.17
N ILE A 61 1.24 -18.40 -13.26
CA ILE A 61 2.15 -18.19 -12.15
C ILE A 61 2.16 -19.39 -11.24
N SER A 62 1.00 -19.94 -10.95
CA SER A 62 0.99 -21.11 -10.07
C SER A 62 1.63 -22.31 -10.77
N THR A 63 1.55 -22.36 -12.09
CA THR A 63 2.14 -23.48 -12.78
C THR A 63 3.68 -23.38 -12.68
N SER A 64 4.19 -22.18 -12.89
CA SER A 64 5.63 -21.94 -12.74
C SER A 64 6.11 -22.34 -11.34
N LEU A 65 5.32 -21.93 -10.35
CA LEU A 65 5.54 -22.26 -8.95
C LEU A 65 5.62 -23.77 -8.72
N LEU A 66 4.65 -24.49 -9.24
CA LEU A 66 4.65 -25.94 -9.12
C LEU A 66 5.88 -26.59 -9.76
N LEU A 67 6.30 -26.07 -10.91
CA LEU A 67 7.49 -26.61 -11.56
C LEU A 67 8.67 -26.33 -10.68
N ALA A 68 8.73 -25.14 -10.09
CA ALA A 68 9.84 -24.80 -9.20
C ALA A 68 9.92 -25.69 -7.95
N LEU A 69 8.80 -26.29 -7.54
CA LEU A 69 8.76 -27.20 -6.38
C LEU A 69 8.98 -28.64 -6.81
N GLY A 70 9.26 -28.84 -8.09
CA GLY A 70 9.60 -30.14 -8.60
C GLY A 70 8.37 -31.01 -8.90
N LEU A 71 7.23 -30.38 -9.16
CA LEU A 71 5.99 -31.14 -9.24
C LEU A 71 5.43 -31.39 -10.66
N GLN A 72 6.26 -31.26 -11.67
CA GLN A 72 5.81 -31.42 -13.07
C GLN A 72 5.05 -32.74 -13.26
N ASP A 73 5.54 -33.81 -12.68
CA ASP A 73 4.94 -35.11 -12.99
C ASP A 73 3.61 -35.36 -12.30
N LYS A 74 3.22 -34.48 -11.38
CA LYS A 74 1.92 -34.59 -10.78
C LYS A 74 0.84 -33.78 -11.51
N LEU A 75 1.23 -32.96 -12.49
CA LEU A 75 0.28 -32.08 -13.16
C LEU A 75 -0.66 -32.91 -14.05
N VAL A 76 -1.96 -32.65 -13.95
CA VAL A 76 -2.95 -33.30 -14.80
C VAL A 76 -3.73 -32.28 -15.64
N GLY A 77 -3.52 -30.99 -15.39
CA GLY A 77 -4.19 -29.96 -16.16
C GLY A 77 -3.46 -28.64 -15.97
N ILE A 78 -3.50 -27.77 -16.99
CA ILE A 78 -2.72 -26.55 -17.06
C ILE A 78 -3.55 -25.42 -17.71
N GLU A 79 -3.10 -24.19 -17.56
CA GLU A 79 -3.89 -23.07 -18.08
C GLU A 79 -3.76 -22.98 -19.59
N ALA A 80 -4.63 -22.20 -20.22
CA ALA A 80 -4.55 -21.96 -21.66
C ALA A 80 -3.24 -21.26 -22.07
N LYS A 81 -2.95 -21.37 -23.37
CA LYS A 81 -1.81 -20.73 -23.98
C LYS A 81 -0.50 -21.29 -23.45
N ALA A 82 -0.50 -22.54 -23.00
CA ALA A 82 0.71 -23.09 -22.41
C ALA A 82 1.80 -23.14 -23.45
N ASN A 83 1.44 -23.22 -24.73
CA ASN A 83 2.52 -23.24 -25.72
C ASN A 83 3.22 -21.94 -25.94
N THR A 84 2.73 -20.87 -25.34
CA THR A 84 3.41 -19.58 -25.42
C THR A 84 4.43 -19.38 -24.30
N ARG A 85 4.59 -20.35 -23.41
CA ARG A 85 5.43 -20.12 -22.25
C ARG A 85 6.77 -20.79 -22.47
N ASN A 86 7.81 -19.99 -22.70
CA ASN A 86 9.13 -20.56 -22.89
C ASN A 86 9.59 -21.46 -21.77
N ILE A 87 9.18 -21.19 -20.54
CA ILE A 87 9.67 -21.95 -19.41
C ILE A 87 9.17 -23.41 -19.54
N TYR A 88 7.98 -23.67 -20.09
CA TYR A 88 7.54 -25.05 -20.24
C TYR A 88 8.38 -25.75 -21.30
N LYS A 89 8.75 -25.03 -22.35
CA LYS A 89 9.53 -25.66 -23.42
C LYS A 89 10.93 -26.03 -22.95
N LEU A 90 11.49 -25.27 -22.01
CA LEU A 90 12.83 -25.53 -21.52
C LEU A 90 12.86 -26.52 -20.36
N ALA A 91 11.85 -26.45 -19.47
CA ALA A 91 11.88 -27.17 -18.19
C ALA A 91 10.97 -28.40 -18.18
N ALA A 92 9.88 -28.36 -18.95
CA ALA A 92 8.86 -29.40 -18.83
C ALA A 92 7.99 -29.48 -20.06
N PRO A 93 8.57 -29.76 -21.23
CA PRO A 93 7.79 -29.63 -22.46
C PRO A 93 6.59 -30.56 -22.56
N ALA A 94 6.68 -31.71 -21.93
CA ALA A 94 5.55 -32.66 -21.95
C ALA A 94 4.26 -32.10 -21.37
N ILE A 95 4.34 -31.10 -20.49
CA ILE A 95 3.12 -30.60 -19.89
C ILE A 95 2.23 -29.76 -20.83
N VAL A 96 2.77 -29.35 -21.97
CA VAL A 96 2.05 -28.47 -22.87
C VAL A 96 0.87 -29.18 -23.50
N SER A 97 0.93 -30.50 -23.55
CA SER A 97 -0.15 -31.29 -24.11
C SER A 97 -1.21 -31.71 -23.09
N LEU A 98 -1.13 -31.25 -21.85
CA LEU A 98 -2.12 -31.62 -20.84
C LEU A 98 -3.43 -30.90 -21.13
N PRO A 99 -4.53 -31.45 -20.64
CA PRO A 99 -5.84 -30.79 -20.66
C PRO A 99 -5.77 -29.34 -20.24
N ASN A 100 -6.46 -28.53 -21.03
CA ASN A 100 -6.47 -27.08 -20.93
C ASN A 100 -7.63 -26.67 -19.99
N MSE A 101 -7.26 -26.06 -18.86
CA MSE A 101 -8.22 -25.65 -17.82
C MSE A 101 -8.84 -24.32 -18.12
O MSE A 101 -9.82 -23.97 -17.53
CB MSE A 101 -7.55 -25.51 -16.45
CG MSE A 101 -6.85 -26.73 -15.92
SE MSE A 101 -8.07 -28.21 -15.52
CE MSE A 101 -8.11 -29.10 -17.25
N GLY A 102 -8.23 -23.56 -19.02
CA GLY A 102 -8.78 -22.28 -19.41
C GLY A 102 -8.04 -21.16 -18.71
N THR A 103 -8.76 -20.08 -18.45
CA THR A 103 -8.22 -18.90 -17.76
C THR A 103 -9.39 -18.15 -17.14
N ALA A 104 -9.15 -16.97 -16.57
CA ALA A 104 -10.21 -16.12 -16.04
C ALA A 104 -11.28 -15.72 -17.08
N LYS A 105 -10.86 -15.66 -18.34
CA LYS A 105 -11.75 -15.36 -19.47
C LYS A 105 -12.83 -16.44 -19.65
N GLU A 106 -12.45 -17.70 -19.42
CA GLU A 106 -13.33 -18.84 -19.64
C GLU A 106 -12.66 -20.07 -19.03
N PHE A 107 -13.26 -20.56 -17.96
CA PHE A 107 -12.76 -21.73 -17.29
C PHE A 107 -13.42 -22.99 -17.88
N ASN A 108 -12.62 -24.01 -18.21
CA ASN A 108 -13.10 -25.24 -18.86
C ASN A 108 -13.48 -26.29 -17.82
N THR A 109 -14.67 -26.08 -17.25
CA THR A 109 -15.12 -26.88 -16.11
C THR A 109 -15.16 -28.39 -16.43
N GLU A 110 -15.74 -28.75 -17.58
CA GLU A 110 -15.75 -30.17 -17.98
C GLU A 110 -14.34 -30.79 -18.14
N ALA A 111 -13.37 -30.06 -18.70
CA ALA A 111 -12.03 -30.64 -18.86
C ALA A 111 -11.42 -30.84 -17.48
N CYS A 112 -11.73 -29.92 -16.56
CA CYS A 112 -11.24 -30.04 -15.21
C CYS A 112 -11.85 -31.27 -14.50
N VAL A 113 -13.18 -31.39 -14.52
CA VAL A 113 -13.85 -32.60 -13.96
C VAL A 113 -13.26 -33.93 -14.52
N ALA A 114 -13.14 -34.00 -15.83
CA ALA A 114 -12.64 -35.20 -16.51
C ALA A 114 -11.18 -35.57 -16.16
N ALA A 115 -10.35 -34.58 -15.83
CA ALA A 115 -8.96 -34.82 -15.40
C ALA A 115 -8.85 -35.36 -13.94
N THR A 116 -9.98 -35.39 -13.24
CA THR A 116 -10.05 -35.88 -11.86
C THR A 116 -8.89 -35.47 -10.97
N PRO A 117 -8.69 -34.15 -10.83
CA PRO A 117 -7.63 -33.69 -9.94
C PRO A 117 -7.99 -33.82 -8.46
N ASP A 118 -6.96 -33.97 -7.63
CA ASP A 118 -7.13 -33.92 -6.17
C ASP A 118 -7.09 -32.47 -5.63
N VAL A 119 -6.53 -31.54 -6.41
CA VAL A 119 -6.52 -30.12 -6.03
C VAL A 119 -6.42 -29.32 -7.31
N VAL A 120 -7.08 -28.16 -7.32
CA VAL A 120 -6.97 -27.21 -8.40
C VAL A 120 -6.55 -25.86 -7.82
N PHE A 121 -5.45 -25.31 -8.33
CA PHE A 121 -5.04 -23.97 -8.00
C PHE A 121 -5.64 -22.91 -8.97
N LEU A 122 -6.30 -21.90 -8.39
CA LEU A 122 -7.02 -20.91 -9.16
C LEU A 122 -6.48 -19.54 -8.82
N PRO A 123 -6.37 -18.64 -9.81
CA PRO A 123 -6.08 -17.25 -9.53
C PRO A 123 -7.29 -16.56 -8.90
N MSE A 124 -7.01 -15.44 -8.25
CA MSE A 124 -8.03 -14.64 -7.55
C MSE A 124 -9.26 -14.31 -8.46
O MSE A 124 -10.40 -14.42 -8.03
CB MSE A 124 -7.40 -13.35 -6.97
CG MSE A 124 -8.37 -12.49 -6.18
SE MSE A 124 -8.86 -13.38 -4.48
CE MSE A 124 -7.37 -12.94 -3.36
N LYS A 125 -9.01 -13.96 -9.72
CA LYS A 125 -10.07 -13.64 -10.66
C LYS A 125 -11.06 -14.77 -10.86
N LEU A 126 -10.62 -16.00 -10.56
CA LEU A 126 -11.48 -17.17 -10.66
C LEU A 126 -12.01 -17.63 -9.31
N LYS A 127 -11.97 -16.76 -8.30
CA LYS A 127 -12.45 -17.13 -6.97
C LYS A 127 -13.86 -17.77 -6.92
N LYS A 128 -14.82 -17.30 -7.72
CA LYS A 128 -16.17 -17.90 -7.70
C LYS A 128 -16.20 -19.33 -8.27
N THR A 129 -15.23 -19.65 -9.12
CA THR A 129 -15.13 -21.00 -9.66
C THR A 129 -14.72 -21.99 -8.57
N ALA A 130 -14.13 -21.51 -7.48
CA ALA A 130 -13.76 -22.44 -6.39
C ALA A 130 -15.00 -23.10 -5.82
N ASP A 131 -16.10 -22.35 -5.76
CA ASP A 131 -17.34 -22.89 -5.24
C ASP A 131 -17.87 -23.93 -6.20
N THR A 132 -17.79 -23.62 -7.49
CA THR A 132 -18.24 -24.57 -8.51
C THR A 132 -17.50 -25.90 -8.35
N LEU A 133 -16.19 -25.83 -8.22
CA LEU A 133 -15.39 -27.04 -8.08
C LEU A 133 -15.64 -27.77 -6.77
N GLU A 134 -15.74 -27.06 -5.67
CA GLU A 134 -16.06 -27.70 -4.38
C GLU A 134 -17.43 -28.41 -4.39
N SER A 135 -18.43 -27.83 -5.06
CA SER A 135 -19.74 -28.47 -5.22
C SER A 135 -19.64 -29.83 -5.96
N LEU A 136 -18.65 -29.97 -6.84
CA LEU A 136 -18.35 -31.18 -7.60
C LEU A 136 -17.35 -32.10 -6.89
N GLY A 137 -16.96 -31.74 -5.68
CA GLY A 137 -16.10 -32.59 -4.88
C GLY A 137 -14.62 -32.38 -5.13
N ILE A 138 -14.26 -31.29 -5.81
CA ILE A 138 -12.88 -31.06 -6.20
C ILE A 138 -12.28 -29.97 -5.33
N LYS A 139 -11.17 -30.22 -4.63
CA LYS A 139 -10.61 -29.19 -3.75
C LYS A 139 -10.00 -28.09 -4.58
N ALA A 140 -10.35 -26.86 -4.22
CA ALA A 140 -9.85 -25.72 -4.94
C ALA A 140 -9.12 -24.83 -3.92
N VAL A 141 -8.04 -24.24 -4.40
CA VAL A 141 -7.21 -23.35 -3.62
C VAL A 141 -6.97 -22.09 -4.43
N VAL A 142 -7.40 -20.95 -3.90
CA VAL A 142 -7.24 -19.69 -4.61
C VAL A 142 -5.93 -19.05 -4.20
N VAL A 143 -5.13 -18.70 -5.18
CA VAL A 143 -3.82 -18.10 -4.97
C VAL A 143 -3.86 -16.70 -5.55
N ASN A 144 -3.00 -15.83 -5.03
CA ASN A 144 -3.00 -14.44 -5.47
C ASN A 144 -1.58 -13.92 -5.43
N PRO A 145 -0.67 -14.57 -6.21
CA PRO A 145 0.75 -14.18 -6.22
C PRO A 145 0.99 -12.90 -7.03
N GLU A 146 0.60 -11.74 -6.50
CA GLU A 146 0.55 -10.55 -7.31
C GLU A 146 1.48 -9.45 -6.80
N ASP A 147 2.25 -9.75 -5.77
CA ASP A 147 3.41 -8.93 -5.36
C ASP A 147 4.37 -9.87 -4.60
N GLN A 148 5.55 -9.36 -4.26
CA GLN A 148 6.60 -10.19 -3.67
C GLN A 148 6.15 -10.95 -2.40
N SER A 149 5.53 -10.25 -1.45
CA SER A 149 5.11 -10.89 -0.21
C SER A 149 4.00 -11.90 -0.49
N LEU A 150 3.11 -11.61 -1.44
CA LEU A 150 2.04 -12.55 -1.71
C LEU A 150 2.57 -13.78 -2.41
N LEU A 151 3.55 -13.58 -3.29
CA LEU A 151 4.24 -14.69 -3.95
C LEU A 151 4.93 -15.61 -2.94
N GLU A 152 5.71 -15.03 -2.04
CA GLU A 152 6.34 -15.77 -0.95
C GLU A 152 5.33 -16.53 -0.04
N GLU A 153 4.20 -15.91 0.25
CA GLU A 153 3.21 -16.61 1.04
C GLU A 153 2.59 -17.74 0.24
N CYS A 154 2.41 -17.53 -1.06
CA CYS A 154 1.86 -18.53 -1.92
C CYS A 154 2.82 -19.72 -2.04
N ILE A 155 4.10 -19.44 -2.13
CA ILE A 155 5.10 -20.50 -2.17
C ILE A 155 5.02 -21.34 -0.92
N THR A 156 4.89 -20.71 0.24
CA THR A 156 4.70 -21.43 1.49
C THR A 156 3.44 -22.27 1.51
N LEU A 157 2.32 -21.67 1.09
CA LEU A 157 1.03 -22.35 1.08
C LEU A 157 1.09 -23.62 0.21
N VAL A 158 1.61 -23.49 -1.00
CA VAL A 158 1.68 -24.62 -1.93
C VAL A 158 2.65 -25.73 -1.43
N GLY A 159 3.74 -25.29 -0.84
CA GLY A 159 4.73 -26.15 -0.21
C GLY A 159 4.10 -26.99 0.88
N LYS A 160 3.27 -26.35 1.70
CA LYS A 160 2.59 -27.07 2.80
C LYS A 160 1.63 -28.10 2.20
N ILE A 161 0.77 -27.65 1.30
CA ILE A 161 -0.25 -28.54 0.73
C ILE A 161 0.36 -29.79 0.10
N THR A 162 1.45 -29.59 -0.63
CA THR A 162 2.02 -30.66 -1.44
C THR A 162 3.14 -31.40 -0.76
N ASN A 163 3.37 -31.10 0.51
CA ASN A 163 4.45 -31.75 1.29
C ASN A 163 5.84 -31.51 0.70
N ASN A 164 6.08 -30.28 0.30
CA ASN A 164 7.40 -29.88 -0.13
C ASN A 164 7.82 -28.60 0.57
N ALA A 165 7.63 -28.56 1.88
CA ALA A 165 7.90 -27.35 2.65
C ALA A 165 9.38 -26.98 2.65
N GLY A 166 10.26 -28.00 2.66
CA GLY A 166 11.69 -27.77 2.60
C GLY A 166 12.12 -27.03 1.34
N ARG A 167 11.72 -27.59 0.21
CA ARG A 167 11.98 -27.00 -1.08
C ARG A 167 11.37 -25.60 -1.17
N ALA A 168 10.12 -25.43 -0.71
CA ALA A 168 9.49 -24.11 -0.65
C ALA A 168 10.29 -23.09 0.16
N GLU A 169 10.77 -23.49 1.32
CA GLU A 169 11.57 -22.58 2.15
C GLU A 169 12.88 -22.18 1.46
N ALA A 170 13.51 -23.12 0.76
CA ALA A 170 14.71 -22.80 0.00
C ALA A 170 14.44 -21.79 -1.13
N LEU A 171 13.37 -21.97 -1.87
CA LEU A 171 12.95 -21.02 -2.87
C LEU A 171 12.69 -19.62 -2.25
N ASN A 172 11.96 -19.59 -1.16
CA ASN A 172 11.64 -18.31 -0.51
C ASN A 172 12.90 -17.65 0.02
N ASN A 173 13.78 -18.40 0.66
CA ASN A 173 15.04 -17.84 1.16
C ASN A 173 15.94 -17.32 0.04
N SER A 174 15.93 -18.03 -1.07
CA SER A 174 16.68 -17.65 -2.24
C SER A 174 16.18 -16.31 -2.72
N ILE A 175 14.86 -16.18 -2.90
CA ILE A 175 14.28 -14.93 -3.34
C ILE A 175 14.58 -13.74 -2.37
N LYS A 176 14.32 -13.95 -1.09
CA LYS A 176 14.53 -12.93 -0.08
C LYS A 176 16.00 -12.50 0.02
N THR A 177 16.90 -13.47 -0.01
CA THR A 177 18.32 -13.23 0.11
C THR A 177 18.85 -12.41 -1.05
N PHE A 178 18.53 -12.82 -2.26
CA PHE A 178 19.06 -12.13 -3.44
C PHE A 178 18.47 -10.75 -3.62
N LEU A 179 17.20 -10.60 -3.30
CA LEU A 179 16.58 -9.26 -3.31
C LEU A 179 17.21 -8.36 -2.26
N ALA A 180 17.40 -8.88 -1.04
CA ALA A 180 17.99 -8.09 0.03
C ALA A 180 19.42 -7.70 -0.29
N ASP A 181 20.17 -8.63 -0.85
CA ASP A 181 21.53 -8.35 -1.26
C ASP A 181 21.55 -7.32 -2.38
N ASN A 182 20.62 -7.41 -3.32
CA ASN A 182 20.61 -6.46 -4.42
C ASN A 182 20.38 -5.05 -3.88
N LYS A 183 19.45 -4.93 -2.94
CA LYS A 183 19.14 -3.62 -2.35
C LYS A 183 20.36 -3.02 -1.66
N THR A 184 21.10 -3.84 -0.95
CA THR A 184 22.30 -3.33 -0.30
C THR A 184 23.42 -3.01 -1.32
N ASN A 185 23.62 -3.86 -2.32
CA ASN A 185 24.66 -3.64 -3.32
C ASN A 185 24.50 -2.25 -3.98
N VAL A 186 23.27 -1.83 -4.21
CA VAL A 186 23.05 -0.60 -4.98
C VAL A 186 22.93 0.65 -4.11
N SER A 187 23.02 0.50 -2.79
CA SER A 187 22.74 1.64 -1.93
C SER A 187 23.97 2.56 -1.79
N GLY A 188 23.76 3.79 -1.37
CA GLY A 188 24.87 4.68 -1.06
C GLY A 188 25.48 5.47 -2.20
N GLY A 189 24.90 5.39 -3.40
CA GLY A 189 25.30 6.26 -4.49
C GLY A 189 24.13 7.01 -5.14
N ASN A 190 24.20 7.19 -6.46
CA ASN A 190 23.19 7.93 -7.20
C ASN A 190 21.91 7.07 -7.28
N THR A 191 20.78 7.70 -7.57
CA THR A 191 19.52 6.98 -7.82
C THR A 191 18.97 7.51 -9.12
N PRO A 192 19.31 6.84 -10.23
CA PRO A 192 18.99 7.36 -11.57
C PRO A 192 17.49 7.34 -11.83
N SER A 193 17.00 8.28 -12.63
CA SER A 193 15.59 8.31 -12.93
C SER A 193 15.34 7.34 -14.09
N VAL A 194 14.20 6.64 -14.06
CA VAL A 194 13.93 5.58 -15.02
C VAL A 194 12.50 5.65 -15.49
N TYR A 195 12.31 5.44 -16.79
CA TYR A 195 10.99 5.34 -17.43
C TYR A 195 10.75 3.88 -17.78
N LEU A 196 9.67 3.33 -17.23
CA LEU A 196 9.23 1.96 -17.53
C LEU A 196 8.28 1.95 -18.69
N ALA A 197 8.75 1.43 -19.83
CA ALA A 197 7.96 1.42 -21.06
C ALA A 197 7.23 0.10 -21.15
N GLY A 198 5.98 0.16 -21.56
CA GLY A 198 5.06 -0.94 -21.44
C GLY A 198 4.96 -1.79 -22.67
N ASN A 199 4.01 -2.72 -22.68
CA ASN A 199 4.01 -3.72 -23.74
C ASN A 199 3.61 -3.22 -25.13
N SER A 200 2.61 -2.36 -25.20
CA SER A 200 2.01 -1.99 -26.48
C SER A 200 2.78 -0.91 -27.27
N SER A 201 3.43 0.01 -26.56
CA SER A 201 4.21 1.08 -27.20
C SER A 201 4.98 1.79 -26.15
N VAL A 202 5.96 2.56 -26.57
CA VAL A 202 6.80 3.30 -25.67
C VAL A 202 6.01 4.31 -24.85
N LEU A 203 4.81 4.65 -25.31
CA LEU A 203 3.97 5.63 -24.64
C LEU A 203 3.14 5.03 -23.49
N SER A 204 3.19 3.71 -23.30
CA SER A 204 2.51 3.02 -22.23
C SER A 204 3.49 2.98 -21.05
N THR A 205 3.03 3.34 -19.85
CA THR A 205 3.93 3.34 -18.70
C THR A 205 3.23 2.88 -17.41
N ALA A 206 4.04 2.70 -16.35
CA ALA A 206 3.60 2.14 -15.09
C ALA A 206 3.90 3.07 -13.93
N GLY A 207 2.91 3.32 -13.08
CA GLY A 207 3.07 4.09 -11.85
C GLY A 207 3.42 3.24 -10.63
N SER A 208 3.38 3.84 -9.45
CA SER A 208 3.85 3.17 -8.24
C SER A 208 2.95 2.03 -7.78
N LYS A 209 1.75 1.94 -8.33
CA LYS A 209 0.84 0.89 -7.88
C LYS A 209 1.16 -0.44 -8.60
N MSE A 210 2.08 -0.44 -9.56
CA MSE A 210 2.37 -1.64 -10.32
C MSE A 210 3.60 -2.41 -9.81
O MSE A 210 4.54 -1.82 -9.26
CB MSE A 210 2.52 -1.29 -11.81
CG MSE A 210 1.16 -1.00 -12.47
SE MSE A 210 1.33 -0.93 -14.37
CE MSE A 210 1.38 -2.85 -14.67
N TYR A 211 3.60 -3.73 -10.00
CA TYR A 211 4.70 -4.58 -9.57
C TYR A 211 6.08 -4.14 -10.11
N GLN A 212 6.13 -3.74 -11.37
CA GLN A 212 7.37 -3.36 -12.05
C GLN A 212 8.03 -2.23 -11.30
N ASN A 213 7.23 -1.33 -10.73
CA ASN A 213 7.81 -0.26 -9.93
C ASN A 213 8.60 -0.78 -8.76
N THR A 214 8.11 -1.83 -8.14
CA THR A 214 8.79 -2.42 -7.01
C THR A 214 10.11 -3.09 -7.43
N LEU A 215 10.13 -3.71 -8.61
CA LEU A 215 11.39 -4.23 -9.14
C LEU A 215 12.43 -3.09 -9.25
N LEU A 216 11.94 -1.96 -9.73
CA LEU A 216 12.80 -0.88 -10.07
C LEU A 216 13.35 -0.26 -8.81
N THR A 217 12.54 -0.14 -7.77
CA THR A 217 13.00 0.55 -6.57
C THR A 217 13.95 -0.34 -5.78
N ASN A 218 13.76 -1.65 -5.83
N ASN A 218 13.73 -1.65 -5.83
CA ASN A 218 14.78 -2.55 -5.27
CA ASN A 218 14.69 -2.62 -5.27
C ASN A 218 16.14 -2.34 -5.94
C ASN A 218 16.04 -2.73 -6.06
N ALA A 219 16.13 -2.13 -7.26
CA ALA A 219 17.37 -2.01 -8.04
C ALA A 219 18.05 -0.64 -8.00
N GLY A 220 17.58 0.27 -7.16
CA GLY A 220 18.27 1.54 -6.95
C GLY A 220 17.96 2.56 -8.03
N GLY A 221 16.72 2.52 -8.54
CA GLY A 221 16.27 3.48 -9.52
C GLY A 221 15.00 4.18 -9.01
N LYS A 222 14.63 5.32 -9.61
CA LYS A 222 13.37 5.94 -9.19
C LYS A 222 12.50 6.11 -10.41
N ASN A 223 11.23 5.81 -10.26
CA ASN A 223 10.30 5.86 -11.39
C ASN A 223 9.87 7.30 -11.73
N VAL A 224 10.14 7.78 -12.94
CA VAL A 224 9.70 9.15 -13.28
C VAL A 224 8.15 9.30 -13.29
N ALA A 225 7.46 8.18 -13.39
CA ALA A 225 5.98 8.14 -13.39
C ALA A 225 5.39 7.83 -12.01
N SER A 226 6.11 8.11 -10.93
CA SER A 226 5.65 7.71 -9.61
C SER A 226 4.29 8.28 -9.21
N GLU A 227 3.94 9.43 -9.77
CA GLU A 227 2.65 10.09 -9.46
C GLU A 227 1.44 9.63 -10.27
N LEU A 228 1.63 8.65 -11.13
CA LEU A 228 0.49 8.03 -11.78
C LEU A 228 -0.29 7.21 -10.76
N THR A 229 -1.59 7.36 -10.75
CA THR A 229 -2.44 6.66 -9.80
C THR A 229 -3.11 5.46 -10.46
N ASP A 230 -2.78 5.24 -11.72
CA ASP A 230 -3.42 4.17 -12.48
C ASP A 230 -3.03 2.84 -11.90
N THR A 231 -3.99 1.91 -11.92
CA THR A 231 -3.73 0.59 -11.36
C THR A 231 -3.26 -0.43 -12.38
N TYR A 232 -3.15 -0.05 -13.65
CA TYR A 232 -2.49 -0.87 -14.64
C TYR A 232 -1.72 0.02 -15.63
N TRP A 233 -1.18 -0.54 -16.71
CA TRP A 233 -0.55 0.29 -17.71
C TRP A 233 -1.47 1.46 -18.15
N ALA A 234 -0.84 2.60 -18.41
CA ALA A 234 -1.53 3.80 -18.84
C ALA A 234 -0.68 4.61 -19.82
N ASN A 235 -1.34 5.30 -20.74
CA ASN A 235 -0.69 6.00 -21.83
C ASN A 235 -0.30 7.43 -21.48
N VAL A 236 0.91 7.85 -21.87
CA VAL A 236 1.29 9.25 -21.78
C VAL A 236 1.70 9.78 -23.14
N SER A 237 2.04 11.05 -23.21
CA SER A 237 2.47 11.67 -24.45
C SER A 237 4.00 11.71 -24.58
N TYR A 238 4.51 11.85 -25.80
CA TYR A 238 5.95 12.07 -26.02
C TYR A 238 6.42 13.25 -25.23
N GLU A 239 5.57 14.28 -25.21
CA GLU A 239 5.89 15.50 -24.52
C GLU A 239 6.12 15.25 -23.04
N GLN A 240 5.30 14.37 -22.45
CA GLN A 240 5.46 14.05 -21.03
C GLN A 240 6.77 13.28 -20.77
N ILE A 241 7.13 12.38 -21.69
CA ILE A 241 8.37 11.60 -21.53
C ILE A 241 9.53 12.55 -21.61
N LEU A 242 9.47 13.50 -22.54
CA LEU A 242 10.58 14.43 -22.65
C LEU A 242 10.67 15.35 -21.42
N ALA A 243 9.52 15.74 -20.90
CA ALA A 243 9.49 16.59 -19.70
C ALA A 243 10.09 15.85 -18.50
N TRP A 244 9.79 14.57 -18.37
CA TRP A 244 10.32 13.80 -17.26
C TRP A 244 11.82 13.53 -17.44
N ASN A 245 12.24 13.46 -18.70
CA ASN A 245 13.64 13.25 -19.10
C ASN A 245 14.36 12.14 -18.35
N PRO A 246 13.90 10.93 -18.52
CA PRO A 246 14.51 9.79 -17.84
C PRO A 246 15.97 9.58 -18.22
N ASP A 247 16.80 9.22 -17.23
CA ASP A 247 18.19 8.79 -17.43
C ASP A 247 18.26 7.45 -18.15
N TYR A 248 17.31 6.58 -17.85
CA TYR A 248 17.24 5.22 -18.45
C TYR A 248 15.82 4.94 -18.88
N ILE A 249 15.67 4.09 -19.87
CA ILE A 249 14.39 3.51 -20.23
C ILE A 249 14.52 1.99 -20.15
N VAL A 250 13.61 1.37 -19.42
CA VAL A 250 13.49 -0.07 -19.34
C VAL A 250 12.20 -0.55 -19.98
N ILE A 251 12.34 -1.36 -21.02
CA ILE A 251 11.21 -1.87 -21.77
C ILE A 251 10.70 -3.18 -21.20
N ALA A 252 9.38 -3.32 -21.10
CA ALA A 252 8.75 -4.51 -20.53
C ALA A 252 9.16 -5.76 -21.30
N ALA A 253 9.28 -6.88 -20.58
CA ALA A 253 9.68 -8.17 -21.17
C ALA A 253 8.84 -8.64 -22.35
N ASP A 254 7.52 -8.46 -22.26
CA ASP A 254 6.66 -8.92 -23.34
C ASP A 254 6.32 -7.82 -24.34
N ALA A 255 7.03 -6.70 -24.32
CA ALA A 255 6.74 -5.66 -25.30
C ALA A 255 6.90 -6.15 -26.73
N THR A 256 6.11 -5.59 -27.63
CA THR A 256 6.15 -5.95 -29.04
C THR A 256 7.36 -5.33 -29.78
N TYR A 257 7.93 -4.29 -29.19
CA TYR A 257 8.95 -3.46 -29.84
C TYR A 257 10.26 -3.64 -29.06
N THR A 258 11.35 -3.09 -29.58
CA THR A 258 12.68 -3.39 -29.05
C THR A 258 13.53 -2.14 -28.73
N VAL A 259 14.70 -2.38 -28.13
CA VAL A 259 15.63 -1.32 -27.84
C VAL A 259 15.95 -0.48 -29.07
N ASP A 260 16.24 -1.17 -30.19
CA ASP A 260 16.60 -0.53 -31.45
C ASP A 260 15.45 0.38 -31.90
N ASP A 261 14.22 -0.11 -31.76
CA ASP A 261 13.06 0.69 -32.14
C ASP A 261 13.03 2.06 -31.44
N ILE A 262 13.25 2.05 -30.11
CA ILE A 262 13.25 3.29 -29.34
C ILE A 262 14.38 4.20 -29.73
N LEU A 263 15.55 3.63 -29.98
CA LEU A 263 16.69 4.47 -30.33
C LEU A 263 16.48 5.09 -31.71
N ASN A 264 15.70 4.42 -32.57
CA ASN A 264 15.39 4.94 -33.91
C ASN A 264 14.21 5.89 -33.94
N ASP A 265 13.62 6.18 -32.77
CA ASP A 265 12.40 6.99 -32.70
C ASP A 265 12.78 8.45 -32.55
N ALA A 266 12.60 9.21 -33.63
CA ALA A 266 13.10 10.57 -33.65
C ALA A 266 12.39 11.49 -32.63
N ASN A 267 11.17 11.13 -32.23
CA ASN A 267 10.42 11.93 -31.29
C ASN A 267 11.00 11.85 -29.88
N LEU A 268 11.83 10.85 -29.61
CA LEU A 268 12.46 10.73 -28.29
C LEU A 268 13.94 11.11 -28.26
N ALA A 269 14.43 11.64 -29.38
CA ALA A 269 15.83 12.01 -29.49
C ALA A 269 16.27 12.99 -28.40
N GLY A 270 15.34 13.77 -27.88
CA GLY A 270 15.65 14.78 -26.84
C GLY A 270 16.01 14.26 -25.44
N CYS A 271 15.62 13.05 -25.08
CA CYS A 271 15.82 12.65 -23.68
C CYS A 271 17.18 11.99 -23.42
N ASN A 272 17.67 12.19 -22.21
CA ASN A 272 18.91 11.57 -21.77
C ASN A 272 19.05 10.10 -22.09
N ALA A 273 18.03 9.30 -21.79
CA ALA A 273 18.18 7.87 -21.94
C ALA A 273 18.57 7.54 -23.40
N VAL A 274 17.94 8.22 -24.36
CA VAL A 274 18.18 7.94 -25.78
C VAL A 274 19.54 8.49 -26.21
N LYS A 275 19.88 9.70 -25.80
CA LYS A 275 21.15 10.31 -26.13
C LYS A 275 22.31 9.45 -25.63
N ASN A 276 22.17 8.90 -24.43
CA ASN A 276 23.22 8.09 -23.85
C ASN A 276 23.11 6.61 -24.16
N LYS A 277 22.15 6.24 -24.98
CA LYS A 277 21.87 4.86 -25.31
C LYS A 277 21.64 4.00 -24.09
N ASN A 278 21.00 4.58 -23.09
CA ASN A 278 20.67 3.89 -21.88
C ASN A 278 19.27 3.35 -21.92
N VAL A 279 19.06 2.40 -22.82
CA VAL A 279 17.74 1.84 -23.08
C VAL A 279 17.97 0.34 -23.12
N VAL A 280 17.21 -0.40 -22.30
CA VAL A 280 17.28 -1.83 -22.24
C VAL A 280 15.89 -2.43 -22.22
N LYS A 281 15.86 -3.74 -22.43
CA LYS A 281 14.59 -4.50 -22.38
C LYS A 281 14.80 -5.71 -21.50
N LEU A 282 13.83 -5.96 -20.64
CA LEU A 282 13.87 -7.16 -19.82
C LEU A 282 13.75 -8.36 -20.75
N PRO A 283 14.49 -9.43 -20.46
CA PRO A 283 14.48 -10.64 -21.32
C PRO A 283 13.21 -11.46 -21.21
N ASN A 284 12.88 -12.22 -22.24
CA ASN A 284 11.76 -13.15 -22.09
C ASN A 284 12.04 -14.51 -22.68
N ASN A 285 13.33 -14.81 -22.87
CA ASN A 285 13.70 -16.07 -23.49
C ASN A 285 13.47 -17.25 -22.53
N ILE A 286 13.38 -16.94 -21.23
CA ILE A 286 13.01 -17.95 -20.24
C ILE A 286 11.63 -17.59 -19.65
N GLU A 287 11.58 -16.53 -18.86
CA GLU A 287 10.32 -16.02 -18.32
C GLU A 287 10.35 -14.52 -18.33
N ALA A 288 9.20 -13.88 -18.45
CA ALA A 288 9.06 -12.45 -18.21
C ALA A 288 9.03 -12.19 -16.69
N TRP A 289 9.93 -11.34 -16.23
CA TRP A 289 10.08 -11.13 -14.79
C TRP A 289 9.32 -9.92 -14.29
N ASP A 290 8.56 -9.30 -15.15
CA ASP A 290 7.77 -8.14 -14.70
C ASP A 290 6.37 -8.53 -14.20
N SER A 291 6.16 -9.83 -13.95
CA SER A 291 5.09 -10.33 -13.09
C SER A 291 5.70 -11.27 -12.06
N PRO A 292 5.01 -11.49 -10.93
CA PRO A 292 5.65 -12.19 -9.82
C PRO A 292 5.73 -13.72 -9.93
N VAL A 293 6.41 -14.19 -10.96
CA VAL A 293 6.85 -15.57 -11.00
C VAL A 293 7.97 -15.78 -10.00
N PRO A 294 8.24 -17.04 -9.64
CA PRO A 294 9.29 -17.20 -8.62
C PRO A 294 10.64 -16.54 -8.91
N GLY A 295 11.11 -16.59 -10.16
CA GLY A 295 12.36 -15.96 -10.56
C GLY A 295 12.30 -14.45 -10.82
N SER A 296 11.16 -13.80 -10.58
CA SER A 296 11.00 -12.39 -10.91
C SER A 296 12.07 -11.50 -10.29
N PHE A 297 12.61 -11.88 -9.12
CA PHE A 297 13.67 -11.11 -8.49
C PHE A 297 14.88 -10.90 -9.44
N LEU A 298 15.08 -11.85 -10.35
CA LEU A 298 16.10 -11.68 -11.39
C LEU A 298 15.94 -10.40 -12.22
N GLY A 299 14.70 -9.94 -12.40
CA GLY A 299 14.49 -8.68 -13.09
C GLY A 299 15.07 -7.50 -12.32
N SER A 300 15.02 -7.52 -10.98
CA SER A 300 15.65 -6.44 -10.22
C SER A 300 17.15 -6.53 -10.25
N ILE A 301 17.70 -7.75 -10.27
CA ILE A 301 19.14 -7.91 -10.47
C ILE A 301 19.53 -7.44 -11.90
N TYR A 302 18.73 -7.77 -12.90
CA TYR A 302 19.02 -7.27 -14.24
C TYR A 302 19.04 -5.76 -14.22
N ILE A 303 17.99 -5.16 -13.66
CA ILE A 303 17.93 -3.70 -13.66
C ILE A 303 19.12 -3.07 -12.91
N ALA A 304 19.48 -3.67 -11.78
CA ALA A 304 20.59 -3.15 -11.00
C ALA A 304 21.90 -3.22 -11.82
N SER A 305 22.01 -4.26 -12.64
CA SER A 305 23.18 -4.49 -13.48
C SER A 305 23.29 -3.41 -14.58
N VAL A 306 22.17 -2.76 -14.91
CA VAL A 306 22.15 -1.65 -15.84
C VAL A 306 22.38 -0.29 -15.14
N LEU A 307 21.72 -0.06 -14.01
CA LEU A 307 21.80 1.23 -13.34
C LEU A 307 23.06 1.39 -12.51
N HIS A 308 23.58 0.27 -12.02
CA HIS A 308 24.68 0.24 -11.07
C HIS A 308 25.73 -0.86 -11.42
N PRO A 309 26.29 -0.80 -12.65
CA PRO A 309 27.09 -1.91 -13.16
C PRO A 309 28.34 -2.19 -12.40
N GLU A 310 28.85 -1.20 -11.68
CA GLU A 310 30.05 -1.37 -10.88
C GLU A 310 29.75 -2.08 -9.57
N LYS A 311 28.48 -2.16 -9.18
CA LYS A 311 28.07 -2.83 -7.95
C LYS A 311 27.46 -4.24 -8.23
N VAL A 312 26.66 -4.33 -9.30
CA VAL A 312 26.04 -5.57 -9.72
C VAL A 312 26.43 -5.79 -11.17
N THR A 313 27.33 -6.74 -11.42
CA THR A 313 27.93 -6.82 -12.74
C THR A 313 27.13 -7.74 -13.63
N LYS A 314 27.38 -7.65 -14.92
CA LYS A 314 26.68 -8.47 -15.88
C LYS A 314 26.98 -9.96 -15.63
N ASP A 315 28.23 -10.28 -15.30
CA ASP A 315 28.65 -11.65 -14.99
C ASP A 315 27.92 -12.18 -13.76
N PHE A 316 27.76 -11.35 -12.73
CA PHE A 316 26.97 -11.75 -11.57
C PHE A 316 25.51 -12.05 -11.94
N TYR A 317 24.88 -11.13 -12.67
CA TYR A 317 23.51 -11.31 -13.12
C TYR A 317 23.36 -12.62 -13.91
N GLU A 318 24.27 -12.85 -14.84
CA GLU A 318 24.19 -14.09 -15.63
C GLU A 318 24.28 -15.35 -14.79
N THR A 319 25.17 -15.32 -13.81
CA THR A 319 25.36 -16.43 -12.87
C THR A 319 24.12 -16.68 -12.03
N CYS A 320 23.49 -15.61 -11.52
CA CYS A 320 22.19 -15.75 -10.84
C CYS A 320 21.14 -16.46 -11.67
N VAL A 321 20.99 -16.07 -12.93
CA VAL A 321 19.95 -16.67 -13.80
C VAL A 321 20.22 -18.16 -13.97
N THR A 322 21.47 -18.48 -14.29
CA THR A 322 21.88 -19.84 -14.53
C THR A 322 21.67 -20.71 -13.29
N LYS A 323 22.17 -20.25 -12.15
CA LYS A 323 21.97 -21.00 -10.91
C LYS A 323 20.51 -21.18 -10.50
N PHE A 324 19.67 -20.14 -10.66
CA PHE A 324 18.30 -20.21 -10.23
C PHE A 324 17.52 -21.21 -11.05
N TYR A 325 17.64 -21.14 -12.38
CA TYR A 325 16.90 -22.09 -13.19
C TYR A 325 17.44 -23.48 -13.10
N GLU A 326 18.74 -23.65 -12.87
CA GLU A 326 19.29 -24.97 -12.66
C GLU A 326 18.73 -25.61 -11.38
N SER A 327 18.77 -24.84 -10.30
CA SER A 327 18.41 -25.32 -8.97
C SER A 327 16.95 -25.68 -8.82
N PHE A 328 16.05 -24.87 -9.39
CA PHE A 328 14.62 -25.07 -9.16
C PHE A 328 13.83 -25.61 -10.35
N TYR A 329 14.37 -25.47 -11.57
CA TYR A 329 13.67 -25.92 -12.76
C TYR A 329 14.38 -27.05 -13.53
N GLY A 330 15.57 -27.43 -13.07
CA GLY A 330 16.26 -28.59 -13.59
C GLY A 330 16.82 -28.47 -15.00
N PHE A 331 17.14 -27.26 -15.44
CA PHE A 331 17.78 -27.11 -16.76
C PHE A 331 18.82 -26.01 -16.74
N THR A 332 19.76 -26.11 -17.67
CA THR A 332 20.82 -25.12 -17.78
C THR A 332 20.48 -24.10 -18.85
N PRO A 333 20.34 -22.82 -18.49
CA PRO A 333 19.94 -21.90 -19.55
C PRO A 333 21.08 -21.75 -20.54
N ALA A 334 20.78 -21.49 -21.82
CA ALA A 334 21.83 -21.35 -22.83
C ALA A 334 22.25 -19.90 -22.99
N GLY B 12 -9.99 -1.01 -23.45
CA GLY B 12 -9.18 -1.89 -22.64
C GLY B 12 -8.09 -1.20 -21.82
N THR B 13 -7.78 0.04 -22.16
CA THR B 13 -6.78 0.79 -21.40
C THR B 13 -7.23 2.23 -21.21
N GLU B 14 -6.28 3.11 -20.86
CA GLU B 14 -6.60 4.46 -20.41
C GLU B 14 -5.40 5.40 -20.52
N GLU B 15 -5.68 6.70 -20.51
CA GLU B 15 -4.65 7.71 -20.53
C GLU B 15 -4.26 7.90 -19.08
N ALA B 16 -2.96 8.07 -18.81
CA ALA B 16 -2.46 8.24 -17.45
C ALA B 16 -3.12 9.44 -16.75
N THR B 17 -3.32 9.32 -15.44
CA THR B 17 -3.83 10.41 -14.60
C THR B 17 -2.84 10.68 -13.46
N THR B 18 -2.47 11.94 -13.28
CA THR B 18 -1.70 12.33 -12.09
C THR B 18 -2.49 13.37 -11.33
N SER B 19 -3.72 13.61 -11.72
CA SER B 19 -4.41 14.79 -11.20
C SER B 19 -4.63 14.69 -9.68
N ALA B 20 -4.58 13.47 -9.12
CA ALA B 20 -4.75 13.31 -7.68
C ALA B 20 -3.61 14.07 -7.03
N PHE B 21 -2.42 13.96 -7.62
CA PHE B 21 -1.31 14.64 -7.05
C PHE B 21 -1.28 16.08 -7.51
N ASP B 22 -1.62 16.31 -8.77
CA ASP B 22 -1.52 17.68 -9.29
C ASP B 22 -2.49 18.62 -8.57
N VAL B 23 -3.63 18.11 -8.11
CA VAL B 23 -4.56 18.92 -7.33
C VAL B 23 -3.89 19.49 -6.09
N MSE B 24 -2.98 18.74 -5.49
CA MSE B 24 -2.31 19.22 -4.28
C MSE B 24 -1.28 20.36 -4.51
O MSE B 24 -0.86 21.01 -3.55
CB MSE B 24 -1.60 18.04 -3.60
CG MSE B 24 -2.52 16.88 -3.34
SE MSE B 24 -1.78 15.72 -1.98
CE MSE B 24 -0.29 15.11 -2.91
N SER B 25 -0.86 20.60 -5.75
CA SER B 25 0.15 21.64 -6.01
C SER B 25 -0.47 22.94 -6.47
N GLN B 26 -1.79 22.95 -6.68
CA GLN B 26 -2.45 24.08 -7.32
C GLN B 26 -3.60 24.58 -6.47
N PHE B 27 -3.40 25.74 -5.85
CA PHE B 27 -4.42 26.34 -5.04
C PHE B 27 -5.09 27.43 -5.89
N ASN B 28 -6.23 27.11 -6.47
CA ASN B 28 -6.98 28.09 -7.26
C ASN B 28 -7.54 29.14 -6.31
N GLU B 29 -7.26 30.40 -6.54
CA GLU B 29 -7.77 31.45 -5.69
C GLU B 29 -9.30 31.55 -5.84
N ILE B 30 -9.99 31.61 -4.70
CA ILE B 30 -11.45 31.67 -4.63
C ILE B 30 -11.79 32.86 -3.73
N GLY B 31 -12.51 33.83 -4.27
CA GLY B 31 -12.81 35.05 -3.54
C GLY B 31 -13.62 34.80 -2.27
N VAL B 32 -13.24 35.55 -1.22
CA VAL B 32 -14.03 35.65 0.02
C VAL B 32 -14.26 37.14 0.30
N SER B 33 -15.53 37.53 0.39
CA SER B 33 -15.93 38.92 0.60
C SER B 33 -16.11 39.24 2.12
N TYR B 34 -15.50 40.33 2.60
CA TYR B 34 -15.67 40.73 4.00
C TYR B 34 -16.43 42.05 4.00
N PRO B 35 -17.20 42.33 5.07
CA PRO B 35 -17.46 41.44 6.21
C PRO B 35 -18.07 40.11 5.82
N LEU B 36 -17.73 39.09 6.58
CA LEU B 36 -18.14 37.74 6.32
C LEU B 36 -18.92 37.19 7.52
N THR B 37 -20.09 36.62 7.27
CA THR B 37 -20.83 35.95 8.33
C THR B 37 -20.86 34.47 8.05
N VAL B 38 -20.49 33.71 9.05
CA VAL B 38 -20.53 32.26 8.93
C VAL B 38 -21.33 31.63 10.07
N THR B 39 -21.72 30.39 9.87
CA THR B 39 -22.29 29.58 10.91
C THR B 39 -21.31 28.48 11.29
N ASP B 40 -20.94 28.42 12.56
CA ASP B 40 -19.98 27.41 12.96
C ASP B 40 -20.60 26.01 13.20
N GLN B 41 -19.78 25.03 13.57
CA GLN B 41 -20.33 23.65 13.66
C GLN B 41 -21.20 23.39 14.92
N ALA B 42 -21.35 24.44 15.72
CA ALA B 42 -22.31 24.41 16.84
C ALA B 42 -23.52 25.26 16.58
N GLY B 43 -23.70 25.68 15.34
CA GLY B 43 -24.86 26.48 14.96
C GLY B 43 -24.80 27.95 15.32
N ARG B 44 -23.64 28.42 15.76
CA ARG B 44 -23.51 29.81 16.16
C ARG B 44 -23.15 30.74 15.00
N THR B 45 -23.67 31.96 15.03
CA THR B 45 -23.38 32.94 14.01
C THR B 45 -22.18 33.78 14.41
N VAL B 46 -21.19 33.85 13.54
CA VAL B 46 -20.00 34.65 13.78
C VAL B 46 -19.66 35.50 12.55
N THR B 47 -19.39 36.79 12.78
CA THR B 47 -19.05 37.74 11.76
C THR B 47 -17.64 38.27 11.90
N PHE B 48 -16.96 38.34 10.77
CA PHE B 48 -15.58 38.86 10.66
C PHE B 48 -15.55 40.06 9.77
N GLU B 49 -15.07 41.19 10.30
CA GLU B 49 -14.97 42.39 9.51
C GLU B 49 -13.89 42.33 8.45
N LYS B 50 -12.90 41.50 8.67
CA LYS B 50 -11.81 41.26 7.73
C LYS B 50 -11.18 39.93 8.07
N ALA B 51 -10.31 39.41 7.21
CA ALA B 51 -9.64 38.14 7.47
C ALA B 51 -8.87 38.28 8.77
N PRO B 52 -8.97 37.30 9.67
CA PRO B 52 -8.27 37.44 10.96
C PRO B 52 -6.74 37.30 10.83
N GLU B 53 -5.98 38.24 11.39
CA GLU B 53 -4.53 38.15 11.28
C GLU B 53 -3.85 37.42 12.46
N LYS B 54 -4.51 37.40 13.59
CA LYS B 54 -3.99 36.74 14.78
C LYS B 54 -4.98 35.63 15.12
N ILE B 55 -4.48 34.41 15.04
CA ILE B 55 -5.28 33.24 15.11
C ILE B 55 -4.82 32.40 16.28
N ALA B 56 -5.77 32.00 17.12
CA ALA B 56 -5.51 31.08 18.21
C ALA B 56 -6.28 29.79 18.04
N SER B 57 -5.64 28.68 18.38
CA SER B 57 -6.29 27.41 18.26
C SER B 57 -6.18 26.72 19.59
N SER B 58 -7.22 26.02 20.00
CA SER B 58 -7.16 25.34 21.28
C SER B 58 -7.37 23.84 21.16
N TYR B 59 -7.05 23.28 20.02
CA TYR B 59 -7.39 21.91 19.74
C TYR B 59 -6.36 21.43 18.73
N TYR B 60 -5.83 20.21 18.90
CA TYR B 60 -4.75 19.81 18.01
C TYR B 60 -5.23 19.63 16.57
N ILE B 61 -6.49 19.25 16.41
CA ILE B 61 -6.99 19.05 15.05
C ILE B 61 -7.05 20.35 14.30
N SER B 62 -7.54 21.39 14.95
CA SER B 62 -7.59 22.68 14.31
C SER B 62 -6.18 23.22 14.08
N THR B 63 -5.26 22.98 15.00
CA THR B 63 -3.89 23.41 14.75
C THR B 63 -3.31 22.75 13.47
N SER B 64 -3.49 21.44 13.32
CA SER B 64 -2.97 20.75 12.14
C SER B 64 -3.64 21.32 10.87
N LEU B 65 -4.92 21.59 10.96
CA LEU B 65 -5.64 22.21 9.85
C LEU B 65 -5.06 23.59 9.49
N LEU B 66 -4.79 24.42 10.50
CA LEU B 66 -4.30 25.76 10.22
C LEU B 66 -2.93 25.67 9.56
N LEU B 67 -2.12 24.70 9.99
CA LEU B 67 -0.87 24.41 9.31
C LEU B 67 -1.05 23.96 7.87
N ALA B 68 -2.01 23.08 7.61
CA ALA B 68 -2.27 22.59 6.25
C ALA B 68 -2.77 23.70 5.32
N LEU B 69 -3.36 24.76 5.91
CA LEU B 69 -3.74 25.98 5.18
C LEU B 69 -2.63 27.01 5.09
N GLY B 70 -1.46 26.70 5.66
CA GLY B 70 -0.31 27.58 5.58
C GLY B 70 -0.30 28.78 6.53
N LEU B 71 -0.96 28.63 7.66
CA LEU B 71 -1.21 29.77 8.50
C LEU B 71 -0.35 29.80 9.78
N GLN B 72 0.68 28.97 9.83
CA GLN B 72 1.51 28.95 11.04
C GLN B 72 2.02 30.34 11.45
N ASP B 73 2.36 31.22 10.52
CA ASP B 73 2.94 32.49 10.94
C ASP B 73 1.91 33.43 11.56
N LYS B 74 0.63 33.09 11.45
CA LYS B 74 -0.45 33.90 12.05
C LYS B 74 -0.91 33.44 13.44
N LEU B 75 -0.39 32.31 13.91
CA LEU B 75 -0.85 31.72 15.16
C LEU B 75 -0.27 32.51 16.32
N VAL B 76 -1.13 32.86 17.27
CA VAL B 76 -0.73 33.57 18.49
C VAL B 76 -1.04 32.80 19.75
N GLY B 77 -1.66 31.66 19.60
CA GLY B 77 -1.88 30.75 20.71
C GLY B 77 -2.17 29.34 20.23
N ILE B 78 -1.85 28.37 21.08
CA ILE B 78 -1.91 26.99 20.66
C ILE B 78 -2.35 26.13 21.86
N GLU B 79 -2.77 24.89 21.61
CA GLU B 79 -3.22 24.01 22.69
C GLU B 79 -2.06 23.57 23.57
N ALA B 80 -2.40 23.05 24.75
CA ALA B 80 -1.38 22.56 25.67
C ALA B 80 -0.66 21.37 25.07
N LYS B 81 0.52 21.09 25.59
CA LYS B 81 1.33 19.97 25.15
C LYS B 81 1.65 20.00 23.66
N ALA B 82 1.81 21.20 23.12
CA ALA B 82 2.13 21.35 21.70
C ALA B 82 3.41 20.56 21.33
N ASN B 83 4.37 20.47 22.23
CA ASN B 83 5.62 19.84 21.85
C ASN B 83 5.59 18.32 21.90
N THR B 84 4.43 17.74 22.11
CA THR B 84 4.26 16.30 21.93
C THR B 84 3.77 15.95 20.49
N ARG B 85 3.44 16.96 19.66
CA ARG B 85 3.03 16.69 18.29
C ARG B 85 4.19 16.81 17.35
N ASN B 86 4.65 15.67 16.83
CA ASN B 86 5.72 15.66 15.86
C ASN B 86 5.50 16.54 14.66
N ILE B 87 4.25 16.70 14.23
CA ILE B 87 3.97 17.52 13.08
C ILE B 87 4.44 18.96 13.29
N TYR B 88 4.32 19.50 14.49
CA TYR B 88 4.76 20.89 14.72
C TYR B 88 6.30 20.94 14.60
N LYS B 89 6.95 19.96 15.19
CA LYS B 89 8.40 19.90 15.20
C LYS B 89 8.91 19.80 13.78
N LEU B 90 8.18 19.12 12.90
CA LEU B 90 8.64 18.95 11.56
C LEU B 90 8.27 20.11 10.66
N ALA B 91 7.08 20.68 10.85
CA ALA B 91 6.54 21.65 9.91
C ALA B 91 6.65 23.12 10.33
N ALA B 92 6.67 23.39 11.64
CA ALA B 92 6.54 24.76 12.19
C ALA B 92 7.01 24.79 13.64
N PRO B 93 8.26 24.39 13.87
CA PRO B 93 8.72 24.22 15.25
C PRO B 93 8.55 25.46 16.14
N ALA B 94 8.51 26.66 15.55
CA ALA B 94 8.47 27.85 16.38
C ALA B 94 7.13 27.99 17.12
N ILE B 95 6.10 27.32 16.64
CA ILE B 95 4.79 27.52 17.24
C ILE B 95 4.66 26.85 18.60
N VAL B 96 5.55 25.91 18.89
CA VAL B 96 5.41 25.11 20.11
C VAL B 96 5.58 25.94 21.37
N SER B 97 6.23 27.09 21.27
CA SER B 97 6.43 27.96 22.45
C SER B 97 5.36 29.04 22.54
N LEU B 98 4.34 28.97 21.71
CA LEU B 98 3.33 30.03 21.77
C LEU B 98 2.53 29.93 23.08
N PRO B 99 1.90 31.05 23.51
CA PRO B 99 0.97 31.06 24.65
C PRO B 99 0.05 29.86 24.60
N ASN B 100 -0.02 29.20 25.75
CA ASN B 100 -0.74 27.96 25.95
C ASN B 100 -2.23 28.22 26.28
N MSE B 101 -3.15 27.87 25.38
CA MSE B 101 -4.61 28.04 25.59
C MSE B 101 -5.24 27.04 26.52
O MSE B 101 -6.42 27.16 26.89
CB MSE B 101 -5.35 27.91 24.24
CG MSE B 101 -4.87 28.85 23.18
SE MSE B 101 -5.18 30.78 23.55
CE MSE B 101 -3.63 31.16 24.61
N GLY B 102 -4.46 26.02 26.89
CA GLY B 102 -4.94 24.96 27.76
C GLY B 102 -5.58 23.80 27.00
N THR B 103 -6.61 23.20 27.60
CA THR B 103 -7.29 22.01 27.08
C THR B 103 -8.81 22.14 27.28
N ALA B 104 -9.57 21.21 26.70
CA ALA B 104 -11.02 21.12 26.93
C ALA B 104 -11.40 21.00 28.43
N LYS B 105 -10.46 20.59 29.27
CA LYS B 105 -10.76 20.39 30.68
C LYS B 105 -10.41 21.63 31.51
N GLU B 106 -9.57 22.49 30.95
CA GLU B 106 -9.22 23.75 31.60
C GLU B 106 -8.73 24.67 30.51
N PHE B 107 -9.64 25.48 29.98
CA PHE B 107 -9.29 26.51 29.02
C PHE B 107 -8.61 27.68 29.78
N ASN B 108 -7.54 28.23 29.21
CA ASN B 108 -6.78 29.30 29.87
C ASN B 108 -7.30 30.65 29.36
N THR B 109 -8.43 31.03 29.89
CA THR B 109 -9.10 32.19 29.35
C THR B 109 -8.23 33.45 29.40
N GLU B 110 -7.49 33.63 30.48
CA GLU B 110 -6.70 34.87 30.58
C GLU B 110 -5.56 34.92 29.55
N ALA B 111 -4.92 33.78 29.31
CA ALA B 111 -3.84 33.73 28.32
C ALA B 111 -4.40 34.02 26.93
N CYS B 112 -5.60 33.52 26.68
CA CYS B 112 -6.30 33.79 25.44
C CYS B 112 -6.61 35.28 25.29
N VAL B 113 -7.19 35.88 26.31
CA VAL B 113 -7.48 37.31 26.32
C VAL B 113 -6.23 38.17 26.05
N ALA B 114 -5.13 37.81 26.72
CA ALA B 114 -3.88 38.53 26.67
C ALA B 114 -3.19 38.52 25.29
N ALA B 115 -3.38 37.43 24.55
CA ALA B 115 -2.82 37.27 23.21
C ALA B 115 -3.61 38.04 22.14
N THR B 116 -4.68 38.71 22.56
CA THR B 116 -5.60 39.48 21.70
C THR B 116 -5.81 38.89 20.27
N PRO B 117 -6.29 37.65 20.19
CA PRO B 117 -6.55 37.07 18.88
C PRO B 117 -7.79 37.63 18.17
N ASP B 118 -7.73 37.65 16.84
CA ASP B 118 -8.88 38.02 15.99
C ASP B 118 -9.83 36.84 15.80
N VAL B 119 -9.38 35.65 16.14
CA VAL B 119 -10.29 34.50 16.12
C VAL B 119 -9.70 33.38 16.95
N VAL B 120 -10.58 32.62 17.60
CA VAL B 120 -10.18 31.47 18.38
C VAL B 120 -11.00 30.27 17.93
N PHE B 121 -10.30 29.21 17.55
CA PHE B 121 -10.94 27.95 17.15
C PHE B 121 -11.00 27.00 18.34
N LEU B 122 -12.21 26.57 18.67
CA LEU B 122 -12.49 25.72 19.84
C LEU B 122 -13.19 24.42 19.44
N PRO B 123 -12.88 23.32 20.14
CA PRO B 123 -13.59 22.06 19.91
C PRO B 123 -14.98 22.11 20.52
N MSE B 124 -15.84 21.22 20.06
CA MSE B 124 -17.24 21.20 20.50
C MSE B 124 -17.37 21.13 22.01
O MSE B 124 -18.25 21.75 22.59
CB MSE B 124 -17.97 20.01 19.89
CG MSE B 124 -19.48 20.11 20.05
SE MSE B 124 -20.28 21.26 18.67
CE MSE B 124 -22.00 20.32 18.53
N LYS B 125 -16.48 20.41 22.68
CA LYS B 125 -16.52 20.34 24.14
C LYS B 125 -16.45 21.68 24.85
N LEU B 126 -15.88 22.68 24.19
CA LEU B 126 -15.66 24.00 24.77
C LEU B 126 -16.64 25.03 24.21
N LYS B 127 -17.75 24.55 23.69
CA LYS B 127 -18.77 25.43 23.13
C LYS B 127 -19.17 26.55 24.15
N LYS B 128 -19.24 26.24 25.43
CA LYS B 128 -19.64 27.24 26.43
C LYS B 128 -18.54 28.31 26.59
N THR B 129 -17.28 27.88 26.51
CA THR B 129 -16.16 28.82 26.51
C THR B 129 -16.26 29.80 25.33
N ALA B 130 -16.70 29.33 24.17
CA ALA B 130 -16.86 30.22 23.02
C ALA B 130 -17.80 31.37 23.34
N ASP B 131 -18.83 31.12 24.14
CA ASP B 131 -19.80 32.17 24.48
C ASP B 131 -19.16 33.20 25.42
N THR B 132 -18.30 32.73 26.29
CA THR B 132 -17.54 33.61 27.14
C THR B 132 -16.56 34.47 26.39
N LEU B 133 -15.88 33.89 25.42
CA LEU B 133 -14.92 34.63 24.62
C LEU B 133 -15.64 35.73 23.83
N GLU B 134 -16.81 35.38 23.28
CA GLU B 134 -17.69 36.32 22.57
C GLU B 134 -18.04 37.50 23.47
N SER B 135 -18.39 37.20 24.71
CA SER B 135 -18.73 38.24 25.70
C SER B 135 -17.56 39.16 25.96
N LEU B 136 -16.36 38.65 25.77
CA LEU B 136 -15.15 39.45 25.91
C LEU B 136 -14.76 40.12 24.58
N GLY B 137 -15.63 40.05 23.58
CA GLY B 137 -15.30 40.66 22.30
C GLY B 137 -14.32 39.90 21.43
N ILE B 138 -14.08 38.62 21.73
CA ILE B 138 -13.17 37.82 20.94
C ILE B 138 -14.00 36.91 20.03
N LYS B 139 -13.62 36.79 18.76
CA LYS B 139 -14.41 35.98 17.84
C LYS B 139 -14.08 34.50 18.05
N ALA B 140 -15.02 33.77 18.64
CA ALA B 140 -14.85 32.33 18.82
C ALA B 140 -15.62 31.54 17.74
N VAL B 141 -15.02 30.46 17.27
CA VAL B 141 -15.59 29.57 16.27
C VAL B 141 -15.45 28.13 16.77
N VAL B 142 -16.58 27.45 16.95
CA VAL B 142 -16.57 26.06 17.36
C VAL B 142 -16.50 25.12 16.14
N VAL B 143 -15.53 24.22 16.20
CA VAL B 143 -15.33 23.18 15.19
C VAL B 143 -15.64 21.84 15.84
N ASN B 144 -16.01 20.88 15.01
CA ASN B 144 -16.36 19.55 15.46
C ASN B 144 -15.92 18.47 14.47
N PRO B 145 -14.61 18.34 14.24
CA PRO B 145 -14.18 17.41 13.19
C PRO B 145 -14.07 16.00 13.73
N GLU B 146 -15.21 15.33 13.87
CA GLU B 146 -15.24 14.04 14.53
C GLU B 146 -15.53 12.85 13.61
N ASP B 147 -15.79 13.14 12.35
CA ASP B 147 -15.76 12.11 11.32
C ASP B 147 -15.33 12.75 10.01
N GLN B 148 -15.31 11.96 8.95
CA GLN B 148 -14.75 12.44 7.68
C GLN B 148 -15.50 13.64 7.13
N SER B 149 -16.83 13.58 7.10
CA SER B 149 -17.64 14.66 6.56
C SER B 149 -17.58 15.96 7.37
N LEU B 150 -17.59 15.81 8.69
CA LEU B 150 -17.48 16.95 9.61
C LEU B 150 -16.12 17.59 9.47
N LEU B 151 -15.09 16.79 9.28
CA LEU B 151 -13.73 17.29 9.06
C LEU B 151 -13.71 18.12 7.78
N GLU B 152 -14.33 17.60 6.73
CA GLU B 152 -14.33 18.30 5.46
C GLU B 152 -15.16 19.60 5.50
N GLU B 153 -16.28 19.57 6.23
CA GLU B 153 -17.06 20.80 6.47
C GLU B 153 -16.23 21.81 7.27
N CYS B 154 -15.46 21.32 8.25
CA CYS B 154 -14.59 22.16 9.05
C CYS B 154 -13.48 22.83 8.22
N ILE B 155 -12.82 22.05 7.37
CA ILE B 155 -11.86 22.59 6.38
C ILE B 155 -12.42 23.75 5.57
N THR B 156 -13.63 23.59 5.05
CA THR B 156 -14.31 24.64 4.29
C THR B 156 -14.58 25.86 5.11
N LEU B 157 -15.11 25.67 6.33
CA LEU B 157 -15.38 26.76 7.26
C LEU B 157 -14.14 27.58 7.62
N VAL B 158 -13.08 26.91 8.04
CA VAL B 158 -11.85 27.61 8.40
C VAL B 158 -11.22 28.28 7.15
N GLY B 159 -11.28 27.63 5.99
CA GLY B 159 -10.70 28.21 4.78
C GLY B 159 -11.41 29.51 4.40
N LYS B 160 -12.73 29.51 4.57
CA LYS B 160 -13.51 30.69 4.31
C LYS B 160 -13.15 31.84 5.25
N ILE B 161 -13.14 31.55 6.53
CA ILE B 161 -12.87 32.56 7.54
C ILE B 161 -11.52 33.23 7.33
N THR B 162 -10.53 32.41 7.06
CA THR B 162 -9.15 32.86 6.94
C THR B 162 -8.78 33.26 5.50
N ASN B 163 -9.76 33.39 4.60
CA ASN B 163 -9.50 33.79 3.23
C ASN B 163 -8.48 32.89 2.54
N ASN B 164 -8.60 31.57 2.77
CA ASN B 164 -7.82 30.58 2.03
C ASN B 164 -8.76 29.54 1.47
N ALA B 165 -9.81 30.00 0.79
CA ALA B 165 -10.83 29.11 0.25
C ALA B 165 -10.29 28.14 -0.81
N GLY B 166 -9.38 28.61 -1.64
CA GLY B 166 -8.79 27.80 -2.69
C GLY B 166 -7.91 26.68 -2.16
N ARG B 167 -7.06 27.00 -1.20
CA ARG B 167 -6.22 25.99 -0.59
C ARG B 167 -7.08 24.97 0.16
N ALA B 168 -8.09 25.44 0.89
CA ALA B 168 -9.05 24.56 1.56
C ALA B 168 -9.78 23.62 0.62
N GLU B 169 -10.26 24.13 -0.50
CA GLU B 169 -10.91 23.29 -1.52
C GLU B 169 -9.92 22.24 -2.07
N ALA B 170 -8.66 22.63 -2.31
CA ALA B 170 -7.69 21.65 -2.80
C ALA B 170 -7.48 20.54 -1.75
N LEU B 171 -7.37 20.96 -0.50
CA LEU B 171 -7.22 20.02 0.59
C LEU B 171 -8.42 19.08 0.66
N ASN B 172 -9.63 19.63 0.58
CA ASN B 172 -10.82 18.75 0.63
C ASN B 172 -10.89 17.80 -0.56
N ASN B 173 -10.61 18.33 -1.74
CA ASN B 173 -10.61 17.53 -2.96
C ASN B 173 -9.59 16.41 -2.89
N SER B 174 -8.41 16.70 -2.33
CA SER B 174 -7.35 15.72 -2.19
C SER B 174 -7.77 14.60 -1.24
N ILE B 175 -8.26 14.97 -0.06
CA ILE B 175 -8.72 13.98 0.90
C ILE B 175 -9.81 13.09 0.28
N LYS B 176 -10.81 13.70 -0.36
CA LYS B 176 -11.88 12.92 -0.94
C LYS B 176 -11.37 12.01 -2.09
N THR B 177 -10.53 12.54 -2.97
CA THR B 177 -10.02 11.73 -4.08
C THR B 177 -9.20 10.51 -3.60
N PHE B 178 -8.25 10.73 -2.69
CA PHE B 178 -7.44 9.62 -2.22
C PHE B 178 -8.21 8.60 -1.42
N LEU B 179 -9.19 9.07 -0.66
CA LEU B 179 -10.05 8.14 0.07
C LEU B 179 -10.92 7.31 -0.88
N ALA B 180 -11.53 7.96 -1.85
CA ALA B 180 -12.34 7.26 -2.82
C ALA B 180 -11.49 6.28 -3.60
N ASP B 181 -10.31 6.71 -4.03
CA ASP B 181 -9.48 5.81 -4.82
C ASP B 181 -9.10 4.58 -3.99
N ASN B 182 -8.82 4.80 -2.71
CA ASN B 182 -8.40 3.72 -1.83
C ASN B 182 -9.49 2.68 -1.71
N LYS B 183 -10.72 3.14 -1.54
CA LYS B 183 -11.82 2.21 -1.44
C LYS B 183 -12.03 1.48 -2.78
N THR B 184 -11.84 2.19 -3.90
CA THR B 184 -11.97 1.50 -5.18
C THR B 184 -10.89 0.41 -5.34
N ASN B 185 -9.65 0.78 -5.01
CA ASN B 185 -8.51 -0.11 -5.19
C ASN B 185 -8.67 -1.42 -4.44
N VAL B 186 -9.27 -1.40 -3.24
CA VAL B 186 -9.42 -2.62 -2.44
C VAL B 186 -10.72 -3.39 -2.76
N SER B 187 -11.54 -2.84 -3.67
CA SER B 187 -12.83 -3.46 -3.94
C SER B 187 -12.64 -4.81 -4.68
N GLY B 188 -13.60 -5.73 -4.52
CA GLY B 188 -13.51 -7.04 -5.17
C GLY B 188 -12.47 -7.99 -4.56
N GLY B 189 -11.80 -7.57 -3.50
CA GLY B 189 -10.98 -8.50 -2.76
C GLY B 189 -11.84 -9.15 -1.68
N ASN B 190 -11.29 -10.16 -1.04
CA ASN B 190 -11.95 -10.68 0.13
C ASN B 190 -11.65 -9.66 1.21
N THR B 191 -12.38 -9.62 2.31
CA THR B 191 -12.06 -8.67 3.37
C THR B 191 -11.57 -9.38 4.64
N PRO B 192 -10.25 -9.34 4.92
CA PRO B 192 -9.73 -10.03 6.11
C PRO B 192 -10.23 -9.43 7.40
N SER B 193 -10.29 -10.24 8.44
CA SER B 193 -10.69 -9.80 9.76
C SER B 193 -9.52 -9.11 10.45
N VAL B 194 -9.83 -8.06 11.20
CA VAL B 194 -8.81 -7.25 11.84
C VAL B 194 -9.23 -6.90 13.26
N TYR B 195 -8.29 -7.01 14.17
CA TYR B 195 -8.49 -6.52 15.54
C TYR B 195 -7.74 -5.19 15.71
N LEU B 196 -8.48 -4.17 16.11
CA LEU B 196 -7.87 -2.85 16.39
C LEU B 196 -7.44 -2.76 17.85
N ALA B 197 -6.12 -2.74 18.07
CA ALA B 197 -5.61 -2.68 19.44
C ALA B 197 -5.32 -1.23 19.85
N GLY B 198 -5.74 -0.90 21.07
CA GLY B 198 -5.80 0.48 21.52
C GLY B 198 -4.49 0.98 22.12
N ASN B 199 -4.47 2.26 22.47
CA ASN B 199 -3.29 2.93 23.02
C ASN B 199 -2.76 2.34 24.33
N SER B 200 -3.68 2.02 25.25
CA SER B 200 -3.30 1.67 26.63
C SER B 200 -2.82 0.22 26.78
N SER B 201 -3.41 -0.70 26.02
CA SER B 201 -2.94 -2.07 25.96
C SER B 201 -3.62 -2.84 24.85
N VAL B 202 -3.10 -4.03 24.58
CA VAL B 202 -3.64 -4.83 23.48
C VAL B 202 -5.07 -5.26 23.78
N LEU B 203 -5.48 -5.22 25.03
CA LEU B 203 -6.85 -5.55 25.37
C LEU B 203 -7.85 -4.43 25.11
N SER B 204 -7.37 -3.23 24.76
CA SER B 204 -8.28 -2.12 24.50
C SER B 204 -8.69 -2.14 23.04
N THR B 205 -9.99 -2.07 22.77
CA THR B 205 -10.45 -2.16 21.38
C THR B 205 -11.65 -1.28 21.08
N ALA B 206 -11.97 -1.18 19.79
CA ALA B 206 -12.95 -0.22 19.28
C ALA B 206 -14.00 -0.94 18.44
N GLY B 207 -15.27 -0.61 18.66
CA GLY B 207 -16.35 -1.22 17.93
C GLY B 207 -16.84 -0.36 16.77
N SER B 208 -18.03 -0.71 16.26
CA SER B 208 -18.53 -0.12 15.02
C SER B 208 -18.85 1.39 15.12
N LYS B 209 -19.01 1.93 16.34
CA LYS B 209 -19.37 3.35 16.46
C LYS B 209 -18.18 4.29 16.38
N MSE B 210 -16.98 3.73 16.33
CA MSE B 210 -15.74 4.47 16.40
C MSE B 210 -15.18 4.90 15.04
O MSE B 210 -15.26 4.17 14.06
CB MSE B 210 -14.68 3.61 17.12
CG MSE B 210 -15.15 3.09 18.45
SE MSE B 210 -14.93 4.49 19.63
CE MSE B 210 -13.19 4.01 20.29
N TYR B 211 -14.59 6.07 14.99
CA TYR B 211 -13.93 6.57 13.80
C TYR B 211 -12.92 5.58 13.23
N GLN B 212 -12.18 4.88 14.10
CA GLN B 212 -11.17 3.92 13.68
C GLN B 212 -11.83 2.77 12.90
N ASN B 213 -13.05 2.41 13.26
CA ASN B 213 -13.73 1.34 12.51
C ASN B 213 -13.97 1.81 11.08
N THR B 214 -14.29 3.09 10.94
CA THR B 214 -14.56 3.63 9.62
C THR B 214 -13.30 3.56 8.75
N LEU B 215 -12.16 3.91 9.36
CA LEU B 215 -10.88 3.94 8.65
C LEU B 215 -10.60 2.53 8.12
N LEU B 216 -10.84 1.58 9.00
CA LEU B 216 -10.63 0.19 8.67
C LEU B 216 -11.52 -0.31 7.54
N THR B 217 -12.81 -0.02 7.62
CA THR B 217 -13.76 -0.43 6.59
C THR B 217 -13.40 0.16 5.22
N ASN B 218 -12.96 1.40 5.22
CA ASN B 218 -12.43 2.02 4.02
C ASN B 218 -11.23 1.30 3.39
N ALA B 219 -10.40 0.68 4.22
CA ALA B 219 -9.22 -0.01 3.76
C ALA B 219 -9.46 -1.47 3.37
N GLY B 220 -10.71 -1.92 3.39
CA GLY B 220 -10.99 -3.29 2.99
C GLY B 220 -10.75 -4.34 4.05
N GLY B 221 -10.99 -3.97 5.31
CA GLY B 221 -10.93 -4.91 6.40
C GLY B 221 -12.27 -5.00 7.13
N LYS B 222 -12.44 -6.08 7.90
CA LYS B 222 -13.64 -6.27 8.70
C LYS B 222 -13.20 -6.27 10.18
N ASN B 223 -13.85 -5.44 10.99
CA ASN B 223 -13.53 -5.31 12.43
C ASN B 223 -14.12 -6.49 13.18
N VAL B 224 -13.28 -7.33 13.82
CA VAL B 224 -13.84 -8.46 14.58
C VAL B 224 -14.65 -8.00 15.77
N ALA B 225 -14.40 -6.77 16.23
CA ALA B 225 -15.14 -6.22 17.39
C ALA B 225 -16.34 -5.38 16.97
N SER B 226 -16.89 -5.66 15.79
CA SER B 226 -17.91 -4.76 15.24
C SER B 226 -19.19 -4.78 16.06
N GLU B 227 -19.39 -5.80 16.86
CA GLU B 227 -20.56 -5.89 17.70
C GLU B 227 -20.42 -5.24 19.07
N LEU B 228 -19.26 -4.69 19.36
CA LEU B 228 -19.12 -3.84 20.52
C LEU B 228 -19.88 -2.52 20.32
N THR B 229 -20.64 -2.12 21.33
CA THR B 229 -21.55 -0.98 21.17
C THR B 229 -21.14 0.32 21.95
N ASP B 230 -19.98 0.27 22.60
CA ASP B 230 -19.43 1.41 23.34
C ASP B 230 -19.08 2.51 22.39
N THR B 231 -19.28 3.75 22.81
CA THR B 231 -18.76 4.89 22.06
C THR B 231 -17.30 5.22 22.42
N TYR B 232 -16.68 4.44 23.31
CA TYR B 232 -15.30 4.70 23.79
C TYR B 232 -14.47 3.44 23.59
N TRP B 233 -13.14 3.54 23.60
CA TRP B 233 -12.31 2.35 23.61
C TRP B 233 -12.59 1.60 24.89
N ALA B 234 -12.82 0.29 24.79
CA ALA B 234 -13.12 -0.54 25.95
C ALA B 234 -12.27 -1.82 25.99
N ASN B 235 -12.11 -2.37 27.20
CA ASN B 235 -11.29 -3.55 27.39
C ASN B 235 -12.08 -4.84 27.13
N VAL B 236 -11.42 -5.80 26.48
CA VAL B 236 -11.91 -7.16 26.34
C VAL B 236 -10.90 -8.11 26.97
N SER B 237 -11.20 -9.42 26.94
CA SER B 237 -10.27 -10.42 27.49
C SER B 237 -9.41 -11.05 26.38
N TYR B 238 -8.35 -11.73 26.77
CA TYR B 238 -7.55 -12.51 25.83
C TYR B 238 -8.42 -13.60 25.22
N GLU B 239 -9.34 -14.15 26.03
CA GLU B 239 -10.22 -15.24 25.57
C GLU B 239 -11.02 -14.74 24.39
N GLN B 240 -11.50 -13.50 24.50
CA GLN B 240 -12.34 -12.91 23.47
C GLN B 240 -11.56 -12.67 22.17
N ILE B 241 -10.35 -12.14 22.29
CA ILE B 241 -9.49 -11.96 21.13
C ILE B 241 -9.23 -13.29 20.41
N LEU B 242 -8.85 -14.33 21.17
CA LEU B 242 -8.61 -15.64 20.57
C LEU B 242 -9.87 -16.18 19.92
N ALA B 243 -11.05 -15.96 20.52
CA ALA B 243 -12.31 -16.43 19.90
C ALA B 243 -12.56 -15.71 18.59
N TRP B 244 -12.28 -14.42 18.56
CA TRP B 244 -12.39 -13.65 17.33
C TRP B 244 -11.37 -14.08 16.29
N ASN B 245 -10.18 -14.50 16.76
CA ASN B 245 -9.12 -15.03 15.90
C ASN B 245 -8.87 -14.16 14.66
N PRO B 246 -8.49 -12.93 14.89
CA PRO B 246 -8.25 -12.02 13.77
C PRO B 246 -7.12 -12.43 12.86
N ASP B 247 -7.29 -12.18 11.57
CA ASP B 247 -6.23 -12.36 10.58
C ASP B 247 -5.09 -11.39 10.77
N TYR B 248 -5.43 -10.17 11.19
CA TYR B 248 -4.49 -9.09 11.41
C TYR B 248 -4.75 -8.36 12.72
N ILE B 249 -3.69 -7.87 13.34
CA ILE B 249 -3.83 -6.90 14.41
C ILE B 249 -3.20 -5.58 14.01
N VAL B 250 -3.94 -4.49 14.12
CA VAL B 250 -3.42 -3.13 13.87
C VAL B 250 -3.39 -2.34 15.18
N ILE B 251 -2.20 -2.00 15.59
CA ILE B 251 -1.99 -1.26 16.82
C ILE B 251 -2.08 0.26 16.59
N ALA B 252 -2.70 0.94 17.55
CA ALA B 252 -2.89 2.37 17.49
C ALA B 252 -1.56 3.14 17.43
N ALA B 253 -1.59 4.28 16.72
CA ALA B 253 -0.37 5.08 16.48
C ALA B 253 0.34 5.49 17.74
N ASP B 254 -0.41 5.82 18.80
CA ASP B 254 0.21 6.32 20.02
C ASP B 254 0.33 5.28 21.13
N ALA B 255 0.32 4.01 20.75
CA ALA B 255 0.30 2.92 21.72
C ALA B 255 1.58 2.89 22.53
N THR B 256 1.45 2.53 23.80
CA THR B 256 2.57 2.50 24.71
C THR B 256 3.35 1.20 24.59
N TYR B 257 2.97 0.36 23.61
CA TYR B 257 3.59 -0.95 23.42
C TYR B 257 3.82 -1.16 21.88
N THR B 258 4.53 -2.22 21.50
CA THR B 258 5.02 -2.38 20.13
C THR B 258 4.57 -3.67 19.45
N VAL B 259 4.80 -3.77 18.14
CA VAL B 259 4.51 -5.00 17.42
C VAL B 259 5.22 -6.19 18.09
N ASP B 260 6.50 -6.03 18.41
CA ASP B 260 7.25 -7.18 18.95
C ASP B 260 6.71 -7.60 20.32
N ASP B 261 6.21 -6.63 21.08
CA ASP B 261 5.52 -6.93 22.34
C ASP B 261 4.35 -7.87 22.10
N ILE B 262 3.58 -7.62 21.05
CA ILE B 262 2.43 -8.45 20.76
C ILE B 262 2.84 -9.82 20.23
N LEU B 263 3.82 -9.86 19.34
CA LEU B 263 4.27 -11.13 18.79
C LEU B 263 4.79 -12.09 19.86
N ASN B 264 5.21 -11.56 20.99
CA ASN B 264 5.80 -12.36 22.04
C ASN B 264 4.87 -12.52 23.25
N ASP B 265 3.70 -11.90 23.18
CA ASP B 265 2.70 -12.04 24.25
C ASP B 265 2.25 -13.49 24.26
N ALA B 266 2.59 -14.20 25.33
CA ALA B 266 2.25 -15.60 25.46
C ALA B 266 0.78 -15.85 25.25
N ASN B 267 -0.06 -15.03 25.88
CA ASN B 267 -1.50 -15.19 25.81
C ASN B 267 -2.15 -15.17 24.43
N LEU B 268 -1.45 -14.63 23.43
CA LEU B 268 -2.00 -14.55 22.07
C LEU B 268 -1.32 -15.48 21.07
N ALA B 269 -0.45 -16.36 21.56
CA ALA B 269 0.29 -17.29 20.71
C ALA B 269 -0.53 -17.98 19.64
N GLY B 270 -1.78 -18.30 19.95
CA GLY B 270 -2.58 -19.16 19.10
C GLY B 270 -3.45 -18.45 18.10
N CYS B 271 -3.51 -17.12 18.09
CA CYS B 271 -4.28 -16.49 17.03
C CYS B 271 -3.49 -16.39 15.72
N ASN B 272 -4.23 -16.25 14.63
CA ASN B 272 -3.66 -16.27 13.30
C ASN B 272 -2.72 -15.10 13.07
N ALA B 273 -3.06 -13.95 13.64
CA ALA B 273 -2.32 -12.73 13.37
C ALA B 273 -0.91 -12.89 13.89
N VAL B 274 -0.77 -13.47 15.08
CA VAL B 274 0.55 -13.67 15.66
C VAL B 274 1.30 -14.83 14.96
N LYS B 275 0.66 -15.97 14.78
CA LYS B 275 1.32 -17.06 14.06
C LYS B 275 1.86 -16.61 12.70
N ASN B 276 1.05 -15.87 11.95
CA ASN B 276 1.45 -15.37 10.65
C ASN B 276 2.22 -14.05 10.66
N LYS B 277 2.50 -13.52 11.85
CA LYS B 277 3.22 -12.25 11.96
C LYS B 277 2.53 -11.12 11.19
N ASN B 278 1.20 -11.14 11.20
CA ASN B 278 0.38 -10.09 10.63
C ASN B 278 -0.06 -9.10 11.70
N VAL B 279 0.93 -8.51 12.38
CA VAL B 279 0.72 -7.48 13.39
C VAL B 279 1.48 -6.24 12.96
N VAL B 280 0.77 -5.12 12.85
CA VAL B 280 1.36 -3.87 12.44
C VAL B 280 0.94 -2.79 13.40
N LYS B 281 1.63 -1.66 13.34
CA LYS B 281 1.28 -0.49 14.14
C LYS B 281 1.28 0.73 13.23
N LEU B 282 0.24 1.54 13.35
CA LEU B 282 0.16 2.80 12.62
C LEU B 282 1.35 3.68 13.05
N PRO B 283 2.00 4.35 12.09
CA PRO B 283 3.11 5.25 12.41
C PRO B 283 2.71 6.54 13.15
N ASN B 284 3.63 7.09 13.92
CA ASN B 284 3.40 8.40 14.52
C ASN B 284 4.61 9.31 14.42
N ASN B 285 5.52 9.00 13.52
CA ASN B 285 6.70 9.85 13.37
C ASN B 285 6.32 11.20 12.72
N ILE B 286 5.19 11.24 12.02
CA ILE B 286 4.63 12.52 11.54
C ILE B 286 3.37 12.94 12.30
N GLU B 287 2.29 12.20 12.12
CA GLU B 287 1.06 12.44 12.84
C GLU B 287 0.41 11.08 13.08
N ALA B 288 -0.32 10.94 14.17
CA ALA B 288 -1.21 9.79 14.32
C ALA B 288 -2.45 9.97 13.44
N TRP B 289 -2.71 9.00 12.57
CA TRP B 289 -3.78 9.12 11.57
C TRP B 289 -5.11 8.48 12.02
N ASP B 290 -5.18 8.05 13.27
CA ASP B 290 -6.37 7.41 13.76
C ASP B 290 -7.31 8.36 14.49
N SER B 291 -7.09 9.67 14.33
CA SER B 291 -8.14 10.64 14.60
C SER B 291 -8.25 11.55 13.37
N PRO B 292 -9.33 12.29 13.27
CA PRO B 292 -9.59 13.00 12.01
C PRO B 292 -8.77 14.29 11.81
N VAL B 293 -7.45 14.16 11.76
CA VAL B 293 -6.60 15.23 11.23
C VAL B 293 -6.72 15.22 9.70
N PRO B 294 -6.31 16.31 9.05
CA PRO B 294 -6.49 16.38 7.60
C PRO B 294 -5.86 15.18 6.84
N GLY B 295 -4.72 14.71 7.33
CA GLY B 295 -3.98 13.61 6.70
C GLY B 295 -4.42 12.19 7.10
N SER B 296 -5.50 12.10 7.86
N SER B 296 -5.52 12.08 7.83
CA SER B 296 -6.02 10.82 8.33
CA SER B 296 -5.95 10.77 8.35
C SER B 296 -6.27 9.77 7.25
C SER B 296 -6.31 9.75 7.27
N PHE B 297 -6.66 10.21 6.07
CA PHE B 297 -6.86 9.30 4.96
C PHE B 297 -5.62 8.46 4.68
N LEU B 298 -4.45 8.95 5.03
CA LEU B 298 -3.19 8.21 4.88
C LEU B 298 -3.14 6.95 5.76
N GLY B 299 -3.87 6.96 6.87
CA GLY B 299 -4.06 5.77 7.69
C GLY B 299 -4.86 4.70 6.98
N SER B 300 -5.89 5.09 6.23
CA SER B 300 -6.62 4.09 5.44
C SER B 300 -5.73 3.54 4.33
N ILE B 301 -4.90 4.38 3.75
CA ILE B 301 -3.98 3.91 2.70
C ILE B 301 -2.95 2.95 3.30
N TYR B 302 -2.44 3.30 4.49
CA TYR B 302 -1.51 2.45 5.21
C TYR B 302 -2.12 1.06 5.45
N ILE B 303 -3.26 1.02 6.11
CA ILE B 303 -3.96 -0.24 6.39
C ILE B 303 -4.21 -1.04 5.08
N ALA B 304 -4.69 -0.38 4.02
CA ALA B 304 -4.89 -1.05 2.73
C ALA B 304 -3.59 -1.68 2.18
N SER B 305 -2.47 -1.00 2.41
CA SER B 305 -1.20 -1.52 1.91
C SER B 305 -0.75 -2.75 2.68
N VAL B 306 -1.32 -2.94 3.85
CA VAL B 306 -1.04 -4.12 4.64
C VAL B 306 -2.03 -5.26 4.28
N LEU B 307 -3.32 -4.91 4.17
CA LEU B 307 -4.35 -5.91 3.94
C LEU B 307 -4.43 -6.34 2.48
N HIS B 308 -4.09 -5.44 1.57
CA HIS B 308 -4.19 -5.69 0.12
C HIS B 308 -2.97 -5.12 -0.62
N PRO B 309 -1.78 -5.67 -0.37
CA PRO B 309 -0.55 -5.04 -0.87
C PRO B 309 -0.39 -5.06 -2.39
N GLU B 310 -1.12 -5.92 -3.10
CA GLU B 310 -1.07 -5.90 -4.56
C GLU B 310 -1.96 -4.79 -5.13
N LYS B 311 -2.92 -4.32 -4.32
CA LYS B 311 -3.83 -3.25 -4.70
C LYS B 311 -3.29 -1.86 -4.34
N VAL B 312 -2.69 -1.77 -3.15
CA VAL B 312 -2.12 -0.53 -2.64
C VAL B 312 -0.72 -0.86 -2.17
N THR B 313 0.27 -0.48 -2.98
CA THR B 313 1.66 -0.89 -2.76
C THR B 313 2.33 0.01 -1.77
N LYS B 314 3.40 -0.51 -1.15
CA LYS B 314 4.11 0.32 -0.20
C LYS B 314 4.70 1.57 -0.89
N ASP B 315 5.16 1.45 -2.13
CA ASP B 315 5.75 2.63 -2.78
C ASP B 315 4.69 3.70 -3.06
N PHE B 316 3.47 3.24 -3.34
CA PHE B 316 2.40 4.19 -3.55
C PHE B 316 2.07 4.91 -2.24
N TYR B 317 1.98 4.14 -1.16
CA TYR B 317 1.63 4.69 0.13
C TYR B 317 2.68 5.70 0.56
N GLU B 318 3.95 5.35 0.34
CA GLU B 318 5.04 6.26 0.67
C GLU B 318 5.02 7.52 -0.17
N THR B 319 4.67 7.37 -1.44
CA THR B 319 4.52 8.51 -2.31
C THR B 319 3.41 9.45 -1.84
N CYS B 320 2.27 8.88 -1.43
CA CYS B 320 1.14 9.69 -0.90
C CYS B 320 1.52 10.51 0.34
N VAL B 321 2.18 9.86 1.29
CA VAL B 321 2.62 10.53 2.51
C VAL B 321 3.55 11.69 2.20
N THR B 322 4.55 11.40 1.39
CA THR B 322 5.53 12.43 1.01
C THR B 322 4.88 13.62 0.30
N LYS B 323 4.08 13.35 -0.70
CA LYS B 323 3.52 14.44 -1.45
C LYS B 323 2.47 15.24 -0.66
N PHE B 324 1.71 14.57 0.22
CA PHE B 324 0.70 15.25 1.01
C PHE B 324 1.40 16.23 1.95
N TYR B 325 2.42 15.77 2.66
CA TYR B 325 3.09 16.64 3.61
C TYR B 325 3.92 17.69 2.89
N GLU B 326 4.46 17.37 1.71
CA GLU B 326 5.20 18.38 0.95
C GLU B 326 4.24 19.49 0.47
N SER B 327 3.07 19.08 0.01
CA SER B 327 2.15 20.00 -0.64
C SER B 327 1.41 20.91 0.32
N PHE B 328 1.00 20.38 1.49
CA PHE B 328 0.18 21.17 2.43
C PHE B 328 0.96 21.66 3.67
N TYR B 329 2.07 21.04 4.00
CA TYR B 329 2.84 21.45 5.20
C TYR B 329 4.19 21.93 4.86
N GLY B 330 4.62 21.80 3.61
CA GLY B 330 5.88 22.36 3.17
C GLY B 330 7.16 21.69 3.70
N PHE B 331 7.12 20.39 4.01
CA PHE B 331 8.33 19.65 4.37
C PHE B 331 8.34 18.28 3.71
N THR B 332 9.53 17.74 3.51
CA THR B 332 9.68 16.40 3.00
C THR B 332 9.93 15.47 4.16
N PRO B 333 8.99 14.53 4.39
CA PRO B 333 9.22 13.53 5.44
C PRO B 333 10.48 12.68 5.12
N ALA B 334 11.21 12.25 6.14
CA ALA B 334 12.50 11.58 5.90
C ALA B 334 12.36 10.09 5.59
#